data_4UWC
#
_entry.id   4UWC
#
_cell.length_a   207.464
_cell.length_b   58.422
_cell.length_c   65.946
_cell.angle_alpha   90.00
_cell.angle_beta   107.38
_cell.angle_gamma   90.00
#
_symmetry.space_group_name_H-M   'C 1 2 1'
#
loop_
_entity.id
_entity.type
_entity.pdbx_description
1 polymer 'FIBROBLAST GROWTH FACTOR RECEPTOR 1'
2 non-polymer 1,2-ETHANEDIOL
3 non-polymer 3,4-dimethoxy-N-(5-phenyl-1H-pyrazol-3-yl)benzamide
4 non-polymer 'PROPANOIC ACID'
5 non-polymer 'SULFATE ION'
6 water water
#
_entity_poly.entity_id   1
_entity_poly.type   'polypeptide(L)'
_entity_poly.pdbx_seq_one_letter_code
;GAGVSEYELPEDPRWELPRDRLVLGKPLGEGAFGQVVLAEAIGLDKDKPNRVTKVAVKMLKSDATEKDLSDLISEMEMMK
MIGKHKNIINLLGACTQDGPLYVIVEYASKGNLREYLQARRPPGLEYSYNPSHNPEEQLSSKDLVSCAYQVARGMEYLAS
KKCIHRDLAARNVLVTEDNVMKIADFGLARDIHHIDYYKKTTNGRLPVKWMAPEALFDRIYTHQSDVWSFGVLLWEIFTL
GGSPYPGVPVEELFKLLKEGHRMDKPSNCTNELYMMMRDCWHAVPSQRPTFKQLVEDLDRIVALTSNQE
;
_entity_poly.pdbx_strand_id   A,B
#
loop_
_chem_comp.id
_chem_comp.type
_chem_comp.name
_chem_comp.formula
4Y0 non-polymer 3,4-dimethoxy-N-(5-phenyl-1H-pyrazol-3-yl)benzamide 'C18 H17 N3 O3'
EDO non-polymer 1,2-ETHANEDIOL 'C2 H6 O2'
PPI non-polymer 'PROPANOIC ACID' 'C3 H6 O2'
SO4 non-polymer 'SULFATE ION' 'O4 S -2'
#
# COMPACT_ATOMS: atom_id res chain seq x y z
N LEU A 9 27.50 -41.82 -7.87
CA LEU A 9 27.32 -40.75 -8.86
C LEU A 9 28.30 -40.94 -10.03
N PRO A 10 27.85 -40.81 -11.31
CA PRO A 10 28.80 -40.96 -12.43
C PRO A 10 29.59 -39.65 -12.67
N GLU A 11 30.85 -39.77 -13.12
CA GLU A 11 31.69 -38.60 -13.37
C GLU A 11 31.45 -37.98 -14.73
N ASP A 12 31.35 -36.64 -14.74
CA ASP A 12 31.22 -35.87 -15.96
C ASP A 12 32.49 -35.02 -16.07
N PRO A 13 33.47 -35.41 -16.93
CA PRO A 13 34.73 -34.65 -17.03
C PRO A 13 34.60 -33.23 -17.57
N ARG A 14 33.41 -32.85 -18.10
CA ARG A 14 33.14 -31.49 -18.59
C ARG A 14 33.15 -30.55 -17.35
N TRP A 15 32.61 -31.05 -16.23
CA TRP A 15 32.41 -30.30 -15.00
C TRP A 15 33.23 -30.67 -13.78
N GLU A 16 33.92 -31.82 -13.76
CA GLU A 16 34.66 -32.28 -12.60
C GLU A 16 35.81 -31.39 -12.12
N LEU A 17 35.73 -30.97 -10.84
CA LEU A 17 36.82 -30.25 -10.21
C LEU A 17 37.37 -31.15 -9.10
N PRO A 18 38.70 -31.45 -9.06
CA PRO A 18 39.24 -32.25 -7.94
C PRO A 18 38.97 -31.55 -6.60
N ARG A 19 38.61 -32.33 -5.58
CA ARG A 19 38.29 -31.86 -4.22
C ARG A 19 39.36 -31.00 -3.56
N ASP A 20 40.64 -31.29 -3.81
CA ASP A 20 41.76 -30.51 -3.26
C ASP A 20 41.92 -29.10 -3.86
N ARG A 21 41.10 -28.75 -4.89
N ARG A 21 41.11 -28.74 -4.88
CA ARG A 21 41.08 -27.46 -5.59
CA ARG A 21 41.18 -27.43 -5.52
C ARG A 21 40.00 -26.53 -5.06
C ARG A 21 40.15 -26.48 -4.90
N LEU A 22 39.24 -27.01 -4.08
CA LEU A 22 38.17 -26.25 -3.45
C LEU A 22 38.52 -26.03 -1.97
N VAL A 23 38.59 -24.76 -1.57
CA VAL A 23 38.92 -24.39 -0.19
C VAL A 23 37.61 -23.87 0.40
N LEU A 24 36.92 -24.72 1.19
CA LEU A 24 35.62 -24.36 1.75
C LEU A 24 35.73 -23.32 2.86
N GLY A 25 34.85 -22.32 2.80
CA GLY A 25 34.84 -21.24 3.76
C GLY A 25 33.54 -21.10 4.51
N LYS A 26 33.16 -19.86 4.78
CA LYS A 26 31.97 -19.51 5.56
C LYS A 26 30.64 -19.84 4.91
N PRO A 27 29.60 -20.22 5.71
CA PRO A 27 28.26 -20.42 5.16
C PRO A 27 27.71 -19.12 4.59
N LEU A 28 26.99 -19.21 3.48
CA LEU A 28 26.37 -18.07 2.80
C LEU A 28 24.91 -18.32 2.83
N GLY A 29 24.61 -19.60 2.70
CA GLY A 29 23.28 -20.17 2.56
C GLY A 29 22.70 -20.91 3.72
N GLU A 30 21.37 -20.94 3.65
CA GLU A 30 20.33 -21.35 4.58
C GLU A 30 19.79 -19.97 4.94
N GLY A 31 20.32 -18.98 4.24
CA GLY A 31 19.86 -17.61 4.28
C GLY A 31 18.69 -17.65 3.32
N ALA A 32 18.85 -18.49 2.25
CA ALA A 32 17.82 -18.72 1.23
C ALA A 32 17.83 -20.07 0.45
N PHE A 33 18.68 -20.17 -0.59
CA PHE A 33 18.74 -21.30 -1.52
C PHE A 33 19.58 -22.51 -1.13
N GLY A 34 19.19 -23.19 -0.06
CA GLY A 34 19.83 -24.43 0.38
C GLY A 34 21.07 -24.29 1.23
N GLN A 35 21.80 -25.42 1.38
CA GLN A 35 23.03 -25.54 2.16
C GLN A 35 24.21 -25.04 1.33
N VAL A 36 24.66 -23.81 1.63
CA VAL A 36 25.65 -23.11 0.81
C VAL A 36 26.80 -22.50 1.60
N VAL A 37 28.02 -22.70 1.10
CA VAL A 37 29.22 -22.11 1.68
C VAL A 37 29.96 -21.32 0.62
N LEU A 38 30.67 -20.27 1.05
CA LEU A 38 31.53 -19.51 0.17
C LEU A 38 32.80 -20.34 0.09
N ALA A 39 33.47 -20.33 -1.07
CA ALA A 39 34.74 -21.06 -1.22
C ALA A 39 35.63 -20.40 -2.23
N GLU A 40 36.88 -20.86 -2.26
CA GLU A 40 37.87 -20.46 -3.24
C GLU A 40 38.21 -21.68 -4.07
N ALA A 41 38.02 -21.56 -5.38
CA ALA A 41 38.33 -22.62 -6.33
C ALA A 41 39.67 -22.29 -7.00
N ILE A 42 40.61 -23.24 -6.97
CA ILE A 42 41.92 -23.08 -7.57
C ILE A 42 41.89 -23.71 -8.94
N GLY A 43 42.20 -22.90 -9.95
CA GLY A 43 42.28 -23.38 -11.33
C GLY A 43 41.00 -23.98 -11.86
N LEU A 44 39.88 -23.21 -11.81
CA LEU A 44 38.57 -23.62 -12.35
C LEU A 44 38.71 -23.72 -13.84
N ASP A 45 39.37 -22.69 -14.43
CA ASP A 45 39.70 -22.57 -15.84
C ASP A 45 41.11 -23.12 -16.05
N LYS A 46 41.38 -23.70 -17.25
CA LYS A 46 42.71 -24.26 -17.58
C LYS A 46 43.80 -23.17 -17.78
N ASP A 47 43.36 -21.93 -18.11
CA ASP A 47 44.20 -20.74 -18.27
C ASP A 47 43.76 -19.66 -17.23
N LYS A 48 44.35 -19.66 -16.01
CA LYS A 48 45.42 -20.59 -15.62
C LYS A 48 45.08 -21.41 -14.34
N PRO A 49 45.84 -22.51 -14.04
CA PRO A 49 45.54 -23.27 -12.82
C PRO A 49 46.06 -22.65 -11.52
N ASN A 50 46.75 -21.48 -11.60
CA ASN A 50 47.29 -20.81 -10.42
C ASN A 50 46.45 -19.67 -9.83
N ARG A 51 45.27 -19.40 -10.39
CA ARG A 51 44.42 -18.31 -9.88
C ARG A 51 43.25 -18.85 -9.06
N VAL A 52 42.89 -18.13 -7.98
CA VAL A 52 41.72 -18.48 -7.16
C VAL A 52 40.50 -17.69 -7.58
N THR A 53 39.32 -18.34 -7.53
CA THR A 53 38.04 -17.69 -7.79
C THR A 53 37.14 -17.95 -6.61
N LYS A 54 36.54 -16.89 -6.07
CA LYS A 54 35.53 -16.99 -5.03
C LYS A 54 34.27 -17.55 -5.72
N VAL A 55 33.74 -18.64 -5.17
CA VAL A 55 32.56 -19.35 -5.71
C VAL A 55 31.59 -19.66 -4.56
N ALA A 56 30.34 -20.03 -4.89
CA ALA A 56 29.36 -20.48 -3.89
C ALA A 56 29.24 -21.98 -4.10
N VAL A 57 29.21 -22.75 -3.03
CA VAL A 57 29.13 -24.21 -3.13
C VAL A 57 27.87 -24.74 -2.48
N LYS A 58 26.99 -25.38 -3.29
CA LYS A 58 25.74 -26.03 -2.87
C LYS A 58 26.04 -27.49 -2.49
N MET A 59 25.58 -27.90 -1.31
CA MET A 59 25.78 -29.26 -0.79
C MET A 59 24.58 -29.67 0.05
N LEU A 60 24.58 -30.92 0.53
CA LEU A 60 23.52 -31.48 1.36
C LEU A 60 23.81 -31.36 2.86
N LYS A 61 22.74 -31.24 3.67
CA LYS A 61 22.83 -31.18 5.13
C LYS A 61 23.07 -32.60 5.66
N SER A 62 23.48 -32.75 6.93
CA SER A 62 23.76 -34.07 7.53
C SER A 62 22.52 -34.99 7.56
N ASP A 63 21.34 -34.39 7.79
CA ASP A 63 20.03 -35.06 7.85
C ASP A 63 19.33 -35.11 6.48
N ALA A 64 20.11 -35.20 5.37
CA ALA A 64 19.57 -35.24 4.00
C ALA A 64 19.15 -36.64 3.57
N THR A 65 18.04 -36.70 2.80
CA THR A 65 17.43 -37.92 2.29
C THR A 65 17.83 -38.21 0.83
N GLU A 66 17.37 -39.35 0.27
CA GLU A 66 17.62 -39.78 -1.12
C GLU A 66 16.96 -38.82 -2.11
N LYS A 67 15.82 -38.23 -1.71
CA LYS A 67 15.09 -37.25 -2.52
C LYS A 67 15.85 -35.91 -2.49
N ASP A 68 16.46 -35.57 -1.33
CA ASP A 68 17.26 -34.35 -1.15
C ASP A 68 18.49 -34.38 -2.08
N LEU A 69 19.13 -35.55 -2.23
CA LEU A 69 20.28 -35.79 -3.12
C LEU A 69 19.87 -35.77 -4.59
N SER A 70 18.74 -36.44 -4.93
CA SER A 70 18.23 -36.51 -6.31
C SER A 70 17.82 -35.12 -6.84
N ASP A 71 17.34 -34.24 -5.96
CA ASP A 71 16.94 -32.87 -6.32
C ASP A 71 18.17 -31.98 -6.61
N LEU A 72 19.26 -32.17 -5.86
CA LEU A 72 20.52 -31.43 -6.07
C LEU A 72 21.15 -31.84 -7.40
N ILE A 73 21.17 -33.15 -7.71
CA ILE A 73 21.67 -33.71 -8.98
C ILE A 73 20.86 -33.13 -10.15
N SER A 74 19.51 -33.12 -10.03
CA SER A 74 18.63 -32.61 -11.09
C SER A 74 18.85 -31.12 -11.34
N GLU A 75 18.99 -30.31 -10.28
CA GLU A 75 19.28 -28.87 -10.41
C GLU A 75 20.60 -28.66 -11.19
N MET A 76 21.66 -29.39 -10.82
CA MET A 76 22.97 -29.39 -11.48
C MET A 76 22.80 -29.78 -12.97
N GLU A 77 22.09 -30.89 -13.23
CA GLU A 77 21.81 -31.37 -14.57
C GLU A 77 21.04 -30.37 -15.41
N MET A 78 20.05 -29.68 -14.81
CA MET A 78 19.25 -28.67 -15.49
C MET A 78 20.16 -27.48 -15.91
N MET A 79 21.06 -27.05 -15.00
CA MET A 79 22.02 -25.94 -15.25
C MET A 79 22.92 -26.27 -16.44
N LYS A 80 23.41 -27.52 -16.51
CA LYS A 80 24.21 -28.00 -17.64
C LYS A 80 23.41 -27.83 -18.95
N MET A 81 22.16 -28.28 -18.98
CA MET A 81 21.35 -28.20 -20.20
C MET A 81 21.01 -26.74 -20.61
N ILE A 82 20.70 -25.88 -19.63
CA ILE A 82 20.33 -24.47 -19.91
C ILE A 82 21.49 -23.66 -20.54
N GLY A 83 22.70 -23.92 -20.07
CA GLY A 83 23.86 -23.23 -20.59
C GLY A 83 24.06 -21.86 -19.96
N LYS A 84 25.07 -21.14 -20.44
CA LYS A 84 25.51 -19.85 -19.90
C LYS A 84 24.87 -18.58 -20.42
N HIS A 85 24.60 -17.68 -19.49
CA HIS A 85 24.14 -16.32 -19.75
C HIS A 85 24.67 -15.40 -18.67
N LYS A 86 25.00 -14.16 -19.04
CA LYS A 86 25.49 -13.09 -18.13
C LYS A 86 24.47 -12.81 -17.02
N ASN A 87 23.16 -12.91 -17.30
CA ASN A 87 22.16 -12.57 -16.28
C ASN A 87 21.53 -13.71 -15.49
N ILE A 88 22.23 -14.83 -15.37
CA ILE A 88 21.77 -15.96 -14.57
C ILE A 88 22.94 -16.44 -13.71
N ILE A 89 22.67 -17.16 -12.60
CA ILE A 89 23.74 -17.78 -11.81
C ILE A 89 24.23 -18.96 -12.64
N ASN A 90 25.50 -18.94 -13.06
CA ASN A 90 26.05 -20.03 -13.89
C ASN A 90 26.68 -21.16 -13.10
N LEU A 91 26.67 -22.37 -13.69
CA LEU A 91 27.33 -23.54 -13.12
C LEU A 91 28.80 -23.37 -13.46
N LEU A 92 29.70 -23.64 -12.52
CA LEU A 92 31.16 -23.53 -12.74
C LEU A 92 31.91 -24.86 -12.64
N GLY A 93 31.31 -25.83 -11.94
CA GLY A 93 31.97 -27.11 -11.71
C GLY A 93 31.24 -27.96 -10.69
N ALA A 94 31.76 -29.15 -10.44
CA ALA A 94 31.17 -30.08 -9.48
C ALA A 94 32.21 -31.03 -8.95
N CYS A 95 32.02 -31.47 -7.68
CA CYS A 95 32.82 -32.48 -6.99
C CYS A 95 31.82 -33.61 -6.74
N THR A 96 31.85 -34.63 -7.58
CA THR A 96 30.87 -35.72 -7.53
C THR A 96 31.43 -37.03 -6.98
N GLN A 97 32.75 -37.23 -7.18
CA GLN A 97 33.49 -38.43 -6.82
C GLN A 97 34.13 -38.43 -5.45
N ASP A 98 34.08 -39.60 -4.76
CA ASP A 98 34.72 -39.93 -3.48
C ASP A 98 34.52 -38.93 -2.33
N GLY A 99 33.27 -38.55 -2.11
CA GLY A 99 32.91 -37.61 -1.06
C GLY A 99 31.54 -36.98 -1.25
N PRO A 100 31.14 -36.01 -0.40
CA PRO A 100 29.82 -35.39 -0.55
C PRO A 100 29.71 -34.62 -1.86
N LEU A 101 28.52 -34.61 -2.47
CA LEU A 101 28.33 -33.89 -3.72
C LEU A 101 28.40 -32.39 -3.50
N TYR A 102 29.25 -31.71 -4.27
CA TYR A 102 29.36 -30.26 -4.24
C TYR A 102 28.98 -29.69 -5.61
N VAL A 103 28.03 -28.76 -5.66
CA VAL A 103 27.63 -28.11 -6.91
C VAL A 103 28.18 -26.66 -6.81
N ILE A 104 29.14 -26.32 -7.71
CA ILE A 104 29.85 -25.04 -7.71
C ILE A 104 29.23 -24.06 -8.66
N VAL A 105 28.76 -22.94 -8.10
CA VAL A 105 28.05 -21.90 -8.87
C VAL A 105 28.66 -20.53 -8.64
N GLU A 106 28.29 -19.55 -9.48
CA GLU A 106 28.83 -18.20 -9.35
C GLU A 106 28.50 -17.54 -8.01
N TYR A 107 29.47 -16.81 -7.45
CA TYR A 107 29.32 -16.06 -6.22
C TYR A 107 28.96 -14.62 -6.58
N ALA A 108 27.89 -14.13 -5.95
CA ALA A 108 27.39 -12.75 -6.15
C ALA A 108 27.61 -12.06 -4.82
N SER A 109 28.64 -11.23 -4.77
CA SER A 109 29.10 -10.58 -3.53
C SER A 109 28.16 -9.53 -2.92
N LYS A 110 27.19 -9.02 -3.69
CA LYS A 110 26.31 -8.00 -3.11
C LYS A 110 24.96 -8.52 -2.61
N GLY A 111 24.84 -9.85 -2.53
CA GLY A 111 23.64 -10.54 -2.04
C GLY A 111 22.46 -10.43 -2.98
N ASN A 112 21.25 -10.75 -2.50
CA ASN A 112 20.05 -10.67 -3.31
C ASN A 112 19.60 -9.22 -3.65
N LEU A 113 18.76 -9.06 -4.70
CA LEU A 113 18.29 -7.76 -5.17
C LEU A 113 17.47 -7.00 -4.11
N ARG A 114 16.63 -7.71 -3.32
CA ARG A 114 15.83 -7.06 -2.27
C ARG A 114 16.80 -6.38 -1.24
N GLU A 115 17.82 -7.13 -0.72
CA GLU A 115 18.84 -6.63 0.23
C GLU A 115 19.64 -5.46 -0.37
N TYR A 116 20.11 -5.61 -1.61
CA TYR A 116 20.88 -4.61 -2.35
C TYR A 116 20.11 -3.29 -2.48
N LEU A 117 18.81 -3.35 -2.83
CA LEU A 117 17.94 -2.18 -2.98
C LEU A 117 17.67 -1.52 -1.64
N GLN A 118 17.35 -2.32 -0.61
CA GLN A 118 17.06 -1.82 0.74
C GLN A 118 18.24 -1.08 1.34
N ALA A 119 19.46 -1.58 1.13
CA ALA A 119 20.70 -0.98 1.65
C ALA A 119 21.04 0.34 0.95
N ARG A 120 20.46 0.60 -0.24
CA ARG A 120 20.72 1.79 -1.05
C ARG A 120 19.57 2.78 -1.02
N ARG A 121 18.65 2.60 -0.05
CA ARG A 121 17.55 3.54 0.12
C ARG A 121 18.10 4.89 0.58
N PRO A 122 17.44 6.03 0.24
CA PRO A 122 17.96 7.33 0.70
C PRO A 122 18.03 7.40 2.23
N PRO A 123 18.92 8.27 2.78
CA PRO A 123 19.09 8.33 4.23
C PRO A 123 17.83 8.55 5.07
N GLY A 124 17.89 8.02 6.29
CA GLY A 124 16.82 8.13 7.28
C GLY A 124 16.65 9.55 7.76
N LEU A 125 15.40 9.94 7.94
CA LEU A 125 14.98 11.26 8.42
C LEU A 125 14.37 11.11 9.80
N GLU A 126 14.18 12.23 10.53
CA GLU A 126 13.59 12.25 11.88
C GLU A 126 12.25 11.46 12.08
N TYR A 127 11.53 11.18 10.98
CA TYR A 127 10.25 10.45 11.02
C TYR A 127 10.40 8.94 10.67
N SER A 128 11.62 8.52 10.25
CA SER A 128 11.95 7.14 9.80
C SER A 128 12.10 6.12 10.94
N TYR A 129 12.07 4.81 10.59
CA TYR A 129 12.22 3.69 11.53
C TYR A 129 13.68 3.30 11.70
C ASN A 130 15.90 5.73 10.54
N PRO A 131 16.09 6.65 11.50
CA PRO A 131 16.68 7.95 11.13
C PRO A 131 18.19 7.91 10.94
N SER A 132 18.87 6.85 11.44
CA SER A 132 20.31 6.68 11.33
C SER A 132 20.77 6.07 9.99
N HIS A 133 19.84 5.49 9.18
CA HIS A 133 20.18 4.90 7.88
C HIS A 133 20.88 5.94 7.02
N ASN A 134 22.12 5.65 6.61
CA ASN A 134 22.95 6.57 5.81
C ASN A 134 23.91 5.75 4.94
N PRO A 135 23.47 5.31 3.74
CA PRO A 135 24.38 4.52 2.88
C PRO A 135 25.49 5.33 2.24
N GLU A 136 26.57 4.63 1.86
CA GLU A 136 27.71 5.19 1.13
C GLU A 136 27.56 4.75 -0.33
N GLU A 137 26.30 4.39 -0.71
CA GLU A 137 25.86 3.83 -1.99
C GLU A 137 24.44 4.32 -2.37
N GLN A 138 24.28 4.90 -3.58
CA GLN A 138 23.01 5.44 -4.06
C GLN A 138 22.72 5.07 -5.53
N LEU A 139 21.43 4.94 -5.90
CA LEU A 139 21.01 4.54 -7.24
C LEU A 139 20.21 5.60 -7.99
N SER A 140 20.57 5.86 -9.25
CA SER A 140 19.82 6.80 -10.10
C SER A 140 18.59 6.07 -10.70
N SER A 141 17.67 6.82 -11.33
CA SER A 141 16.49 6.25 -11.97
C SER A 141 16.91 5.32 -13.14
N LYS A 142 18.00 5.66 -13.85
CA LYS A 142 18.54 4.87 -14.95
C LYS A 142 19.07 3.52 -14.41
N ASP A 143 19.76 3.55 -13.23
CA ASP A 143 20.25 2.34 -12.55
C ASP A 143 19.11 1.37 -12.22
N LEU A 144 17.96 1.89 -11.75
CA LEU A 144 16.81 1.03 -11.43
C LEU A 144 16.23 0.39 -12.68
N VAL A 145 16.10 1.18 -13.76
CA VAL A 145 15.59 0.68 -15.06
C VAL A 145 16.58 -0.37 -15.63
N SER A 146 17.90 -0.14 -15.46
CA SER A 146 18.95 -1.06 -15.91
C SER A 146 18.83 -2.41 -15.17
N CYS A 147 18.50 -2.37 -13.88
N CYS A 147 18.49 -2.40 -13.84
CA CYS A 147 18.28 -3.55 -13.07
CA CYS A 147 18.24 -3.62 -13.04
C CYS A 147 17.13 -4.40 -13.67
C CYS A 147 17.12 -4.43 -13.70
N ALA A 148 15.98 -3.76 -13.98
CA ALA A 148 14.79 -4.37 -14.59
C ALA A 148 15.17 -4.96 -15.94
N TYR A 149 15.93 -4.18 -16.76
CA TYR A 149 16.40 -4.65 -18.06
C TYR A 149 17.23 -5.96 -17.96
N GLN A 150 18.17 -6.02 -16.98
CA GLN A 150 19.04 -7.18 -16.81
C GLN A 150 18.26 -8.41 -16.38
N VAL A 151 17.29 -8.24 -15.48
CA VAL A 151 16.45 -9.36 -15.06
C VAL A 151 15.62 -9.83 -16.25
N ALA A 152 14.98 -8.89 -17.02
CA ALA A 152 14.20 -9.28 -18.21
C ALA A 152 15.07 -10.07 -19.22
N ARG A 153 16.33 -9.65 -19.42
CA ARG A 153 17.31 -10.31 -20.31
C ARG A 153 17.61 -11.74 -19.85
N GLY A 154 17.82 -11.90 -18.54
CA GLY A 154 18.04 -13.23 -17.95
C GLY A 154 16.84 -14.14 -18.17
N MET A 155 15.63 -13.61 -17.94
CA MET A 155 14.37 -14.35 -18.12
C MET A 155 14.12 -14.69 -19.60
N GLU A 156 14.41 -13.76 -20.52
CA GLU A 156 14.26 -13.97 -21.95
C GLU A 156 15.17 -15.13 -22.38
N TYR A 157 16.39 -15.21 -21.82
CA TYR A 157 17.32 -16.29 -22.11
C TYR A 157 16.73 -17.58 -21.60
N LEU A 158 16.36 -17.61 -20.29
CA LEU A 158 15.76 -18.80 -19.67
C LEU A 158 14.55 -19.31 -20.42
N ALA A 159 13.65 -18.39 -20.84
CA ALA A 159 12.45 -18.71 -21.63
C ALA A 159 12.83 -19.29 -22.98
N SER A 160 13.89 -18.75 -23.64
CA SER A 160 14.40 -19.28 -24.92
C SER A 160 14.89 -20.75 -24.75
N LYS A 161 15.28 -21.15 -23.52
CA LYS A 161 15.76 -22.50 -23.21
C LYS A 161 14.63 -23.34 -22.65
N LYS A 162 13.38 -22.86 -22.77
CA LYS A 162 12.13 -23.53 -22.36
C LYS A 162 12.03 -23.72 -20.86
N CYS A 163 12.76 -22.90 -20.12
CA CYS A 163 12.77 -22.91 -18.66
C CYS A 163 11.70 -21.95 -18.10
N ILE A 164 10.82 -22.48 -17.24
CA ILE A 164 9.82 -21.70 -16.51
C ILE A 164 10.36 -21.61 -15.08
N HIS A 165 10.56 -20.38 -14.57
CA HIS A 165 11.13 -20.19 -13.25
C HIS A 165 10.22 -20.65 -12.12
N ARG A 166 8.96 -20.13 -12.09
CA ARG A 166 7.93 -20.43 -11.08
C ARG A 166 8.06 -19.67 -9.76
N ASP A 167 9.26 -19.11 -9.46
CA ASP A 167 9.50 -18.32 -8.24
C ASP A 167 10.33 -17.04 -8.51
N LEU A 168 10.04 -16.35 -9.60
CA LEU A 168 10.79 -15.12 -9.87
C LEU A 168 10.37 -14.03 -8.83
N ALA A 169 11.37 -13.45 -8.14
CA ALA A 169 11.18 -12.41 -7.10
C ALA A 169 12.55 -11.80 -6.90
N ALA A 170 12.63 -10.55 -6.36
CA ALA A 170 13.94 -9.91 -6.12
C ALA A 170 14.83 -10.76 -5.19
N ARG A 171 14.22 -11.56 -4.25
CA ARG A 171 14.98 -12.46 -3.37
C ARG A 171 15.76 -13.53 -4.16
N ASN A 172 15.28 -13.89 -5.40
CA ASN A 172 15.95 -14.88 -6.27
C ASN A 172 16.80 -14.27 -7.39
N VAL A 173 17.11 -12.98 -7.27
CA VAL A 173 17.99 -12.25 -8.16
C VAL A 173 19.19 -11.86 -7.31
N LEU A 174 20.39 -12.26 -7.75
CA LEU A 174 21.63 -11.98 -7.03
C LEU A 174 22.44 -10.90 -7.71
N VAL A 175 23.22 -10.13 -6.93
CA VAL A 175 23.96 -9.00 -7.48
C VAL A 175 25.48 -9.25 -7.30
N THR A 176 26.24 -9.18 -8.40
CA THR A 176 27.69 -9.38 -8.38
C THR A 176 28.40 -8.13 -7.89
N GLU A 177 29.74 -8.22 -7.71
CA GLU A 177 30.60 -7.09 -7.32
C GLU A 177 30.53 -5.97 -8.37
N ASP A 178 30.29 -6.33 -9.64
CA ASP A 178 30.16 -5.41 -10.78
C ASP A 178 28.73 -4.93 -11.02
N ASN A 179 27.82 -5.19 -10.05
CA ASN A 179 26.40 -4.81 -10.13
C ASN A 179 25.64 -5.48 -11.29
N VAL A 180 26.02 -6.72 -11.61
CA VAL A 180 25.36 -7.48 -12.67
C VAL A 180 24.24 -8.25 -11.96
N MET A 181 23.04 -8.23 -12.53
CA MET A 181 21.89 -8.96 -11.97
C MET A 181 21.96 -10.39 -12.48
N LYS A 182 21.82 -11.39 -11.60
CA LYS A 182 21.86 -12.81 -11.97
C LYS A 182 20.67 -13.54 -11.35
N ILE A 183 19.83 -14.09 -12.19
CA ILE A 183 18.70 -14.89 -11.72
C ILE A 183 19.19 -16.21 -11.12
N ALA A 184 18.69 -16.52 -9.92
CA ALA A 184 19.05 -17.73 -9.21
C ALA A 184 17.81 -18.61 -9.09
N ASP A 185 18.01 -19.88 -8.69
CA ASP A 185 16.93 -20.85 -8.42
C ASP A 185 16.08 -21.23 -9.64
N PHE A 186 16.55 -20.97 -10.86
CA PHE A 186 15.82 -21.34 -12.09
C PHE A 186 15.88 -22.85 -12.36
N GLY A 187 16.85 -23.53 -11.76
CA GLY A 187 17.04 -24.97 -11.98
C GLY A 187 16.42 -25.88 -10.93
N LEU A 188 15.74 -25.30 -9.93
CA LEU A 188 15.12 -26.10 -8.85
C LEU A 188 14.09 -27.08 -9.36
N ALA A 189 14.05 -28.27 -8.74
CA ALA A 189 13.11 -29.34 -9.07
C ALA A 189 11.68 -28.94 -8.67
N ARG A 190 10.74 -29.02 -9.64
CA ARG A 190 9.32 -28.70 -9.41
C ARG A 190 8.70 -29.73 -8.46
N ASP A 191 8.31 -29.27 -7.25
CA ASP A 191 7.74 -30.10 -6.18
C ASP A 191 6.34 -30.59 -6.53
N ILE A 192 5.95 -31.75 -5.97
CA ILE A 192 4.63 -32.34 -6.22
C ILE A 192 3.92 -32.91 -4.95
N HIS A 193 2.66 -32.47 -4.66
CA HIS A 193 1.89 -31.47 -5.39
C HIS A 193 2.13 -30.11 -4.76
N HIS A 194 1.45 -29.83 -3.61
CA HIS A 194 1.57 -28.61 -2.80
C HIS A 194 1.58 -27.27 -3.65
N ILE A 195 2.32 -26.18 -3.33
CA ILE A 195 3.22 -25.92 -2.19
C ILE A 195 2.40 -25.37 -1.01
N ASP A 196 3.06 -25.09 0.13
CA ASP A 196 2.35 -24.54 1.29
C ASP A 196 2.16 -23.04 1.08
N TYR A 197 0.93 -22.62 0.71
CA TYR A 197 0.57 -21.22 0.47
C TYR A 197 0.81 -20.31 1.68
N TYR A 198 0.81 -20.90 2.89
CA TYR A 198 1.00 -20.22 4.17
C TYR A 198 2.44 -20.17 4.65
N LYS A 199 3.37 -20.89 3.97
CA LYS A 199 4.79 -20.94 4.31
C LYS A 199 5.49 -19.64 3.95
N LYS A 200 6.14 -19.02 4.93
CA LYS A 200 6.85 -17.75 4.79
C LYS A 200 8.34 -17.91 4.50
N THR A 201 8.95 -16.91 3.84
CA THR A 201 10.39 -16.85 3.52
C THR A 201 11.15 -16.46 4.80
N THR A 202 12.50 -16.58 4.78
CA THR A 202 13.40 -16.22 5.88
C THR A 202 13.11 -14.83 6.48
N ASN A 203 12.65 -13.86 5.64
CA ASN A 203 12.30 -12.49 6.04
C ASN A 203 10.79 -12.30 6.34
N GLY A 204 10.06 -13.41 6.51
CA GLY A 204 8.63 -13.42 6.84
C GLY A 204 7.65 -13.00 5.77
N ARG A 205 8.06 -13.06 4.49
CA ARG A 205 7.19 -12.72 3.35
C ARG A 205 6.54 -13.98 2.76
N LEU A 206 5.38 -13.83 2.11
CA LEU A 206 4.64 -14.94 1.50
C LEU A 206 4.87 -15.05 -0.02
N PRO A 207 5.57 -16.12 -0.51
CA PRO A 207 5.77 -16.27 -1.99
C PRO A 207 4.51 -16.24 -2.87
N VAL A 208 3.30 -16.54 -2.32
CA VAL A 208 2.05 -16.45 -3.09
C VAL A 208 1.86 -15.04 -3.68
N LYS A 209 2.49 -14.01 -3.06
CA LYS A 209 2.34 -12.60 -3.47
C LYS A 209 2.97 -12.25 -4.82
N TRP A 210 3.73 -13.20 -5.38
CA TRP A 210 4.40 -13.08 -6.66
C TRP A 210 3.76 -13.97 -7.72
N MET A 211 2.81 -14.81 -7.33
CA MET A 211 2.19 -15.80 -8.23
C MET A 211 1.02 -15.29 -9.05
N ALA A 212 1.05 -15.59 -10.38
CA ALA A 212 -0.08 -15.26 -11.25
C ALA A 212 -1.34 -15.97 -10.72
N PRO A 213 -2.54 -15.37 -10.88
CA PRO A 213 -3.78 -16.02 -10.42
C PRO A 213 -4.00 -17.42 -11.01
N GLU A 214 -3.71 -17.62 -12.32
CA GLU A 214 -3.86 -18.94 -12.94
C GLU A 214 -2.83 -19.96 -12.38
N ALA A 215 -1.65 -19.50 -11.89
CA ALA A 215 -0.69 -20.40 -11.25
C ALA A 215 -1.17 -20.76 -9.82
N LEU A 216 -1.68 -19.76 -9.12
CA LEU A 216 -2.21 -19.87 -7.78
C LEU A 216 -3.50 -20.70 -7.72
N PHE A 217 -4.49 -20.35 -8.56
CA PHE A 217 -5.78 -21.06 -8.55
C PHE A 217 -5.87 -22.29 -9.40
N ASP A 218 -5.25 -22.28 -10.59
CA ASP A 218 -5.35 -23.43 -11.51
C ASP A 218 -4.08 -24.28 -11.63
N ARG A 219 -3.03 -23.92 -10.86
CA ARG A 219 -1.72 -24.59 -10.85
C ARG A 219 -1.07 -24.64 -12.27
N ILE A 220 -1.39 -23.64 -13.12
CA ILE A 220 -0.88 -23.48 -14.47
C ILE A 220 0.31 -22.53 -14.48
N TYR A 221 1.52 -23.09 -14.63
CA TYR A 221 2.75 -22.30 -14.68
C TYR A 221 3.22 -22.19 -16.11
N THR A 222 3.41 -20.97 -16.60
CA THR A 222 3.86 -20.75 -17.98
C THR A 222 4.89 -19.65 -17.99
N HIS A 223 5.40 -19.28 -19.19
CA HIS A 223 6.25 -18.10 -19.30
C HIS A 223 5.36 -16.88 -19.00
N GLN A 224 4.05 -16.96 -19.30
CA GLN A 224 3.11 -15.86 -19.00
C GLN A 224 2.94 -15.64 -17.51
N SER A 225 2.96 -16.73 -16.70
CA SER A 225 2.88 -16.55 -15.22
C SER A 225 4.16 -16.00 -14.61
N ASP A 226 5.32 -16.24 -15.27
CA ASP A 226 6.61 -15.68 -14.85
C ASP A 226 6.60 -14.18 -15.18
N VAL A 227 5.92 -13.77 -16.28
CA VAL A 227 5.80 -12.33 -16.64
C VAL A 227 4.97 -11.62 -15.53
N TRP A 228 3.88 -12.23 -15.06
CA TRP A 228 3.15 -11.65 -13.89
C TRP A 228 4.14 -11.44 -12.72
N SER A 229 4.93 -12.49 -12.35
CA SER A 229 5.95 -12.38 -11.27
C SER A 229 6.94 -11.26 -11.55
N PHE A 230 7.35 -11.11 -12.82
CA PHE A 230 8.29 -10.04 -13.20
C PHE A 230 7.65 -8.64 -12.94
N GLY A 231 6.33 -8.52 -13.13
CA GLY A 231 5.61 -7.29 -12.80
C GLY A 231 5.72 -6.96 -11.32
N VAL A 232 5.60 -7.98 -10.44
CA VAL A 232 5.74 -7.77 -8.99
C VAL A 232 7.22 -7.39 -8.72
N LEU A 233 8.14 -8.05 -9.42
CA LEU A 233 9.59 -7.76 -9.29
C LEU A 233 9.91 -6.31 -9.68
N LEU A 234 9.27 -5.78 -10.75
CA LEU A 234 9.43 -4.37 -11.14
C LEU A 234 8.96 -3.46 -10.01
N TRP A 235 7.84 -3.81 -9.37
CA TRP A 235 7.27 -3.07 -8.23
C TRP A 235 8.27 -3.08 -7.09
N GLU A 236 8.91 -4.24 -6.82
CA GLU A 236 9.96 -4.37 -5.80
C GLU A 236 11.14 -3.46 -6.13
N ILE A 237 11.52 -3.34 -7.43
CA ILE A 237 12.63 -2.45 -7.83
C ILE A 237 12.31 -0.98 -7.53
N PHE A 238 11.16 -0.51 -8.05
CA PHE A 238 10.75 0.87 -7.91
C PHE A 238 10.36 1.28 -6.51
N THR A 239 10.11 0.32 -5.61
CA THR A 239 9.88 0.65 -4.18
C THR A 239 11.19 0.49 -3.39
N LEU A 240 12.31 0.22 -4.09
CA LEU A 240 13.62 0.00 -3.50
C LEU A 240 13.59 -1.14 -2.46
N GLY A 241 13.00 -2.27 -2.85
CA GLY A 241 12.94 -3.43 -1.97
C GLY A 241 11.73 -3.49 -1.07
N GLY A 242 10.64 -2.84 -1.48
CA GLY A 242 9.38 -2.85 -0.76
C GLY A 242 8.73 -4.23 -0.75
N SER A 243 7.94 -4.49 0.27
CA SER A 243 7.24 -5.75 0.50
C SER A 243 5.85 -5.68 -0.13
N PRO A 244 5.52 -6.53 -1.13
CA PRO A 244 4.15 -6.45 -1.71
C PRO A 244 3.09 -6.83 -0.68
N TYR A 245 1.95 -6.10 -0.68
CA TYR A 245 0.81 -6.34 0.20
C TYR A 245 1.22 -6.55 1.69
N PRO A 246 1.90 -5.58 2.35
CA PRO A 246 2.27 -5.79 3.75
C PRO A 246 1.03 -5.98 4.64
N GLY A 247 1.10 -6.96 5.53
CA GLY A 247 0.02 -7.28 6.46
C GLY A 247 -1.17 -7.99 5.84
N VAL A 248 -1.06 -8.43 4.58
CA VAL A 248 -2.18 -9.10 3.89
C VAL A 248 -2.00 -10.62 4.05
N PRO A 249 -2.87 -11.34 4.76
CA PRO A 249 -2.69 -12.81 4.83
C PRO A 249 -3.19 -13.45 3.54
N VAL A 250 -2.79 -14.73 3.32
CA VAL A 250 -3.15 -15.54 2.15
C VAL A 250 -4.63 -15.43 1.72
N GLU A 251 -5.56 -15.61 2.66
CA GLU A 251 -7.01 -15.58 2.37
C GLU A 251 -7.49 -14.24 1.85
N GLU A 252 -6.89 -13.15 2.34
CA GLU A 252 -7.25 -11.81 1.88
C GLU A 252 -6.60 -11.52 0.53
N LEU A 253 -5.42 -12.10 0.24
CA LEU A 253 -4.76 -11.91 -1.05
C LEU A 253 -5.64 -12.55 -2.16
N PHE A 254 -6.14 -13.78 -1.93
CA PHE A 254 -7.02 -14.50 -2.85
C PHE A 254 -8.22 -13.66 -3.23
N LYS A 255 -8.85 -12.98 -2.22
CA LYS A 255 -10.02 -12.09 -2.42
C LYS A 255 -9.63 -10.85 -3.23
N LEU A 256 -8.43 -10.26 -2.98
CA LEU A 256 -7.94 -9.11 -3.77
C LEU A 256 -7.73 -9.55 -5.21
N LEU A 257 -7.16 -10.75 -5.41
CA LEU A 257 -6.97 -11.26 -6.79
C LEU A 257 -8.28 -11.54 -7.50
N LYS A 258 -9.25 -12.18 -6.81
CA LYS A 258 -10.56 -12.48 -7.42
C LYS A 258 -11.31 -11.20 -7.82
N GLU A 259 -11.08 -10.08 -7.09
CA GLU A 259 -11.72 -8.78 -7.36
C GLU A 259 -10.96 -7.95 -8.44
N GLY A 260 -9.83 -8.44 -8.92
CA GLY A 260 -9.02 -7.75 -9.92
C GLY A 260 -8.24 -6.58 -9.35
N HIS A 261 -7.96 -6.59 -8.02
CA HIS A 261 -7.17 -5.53 -7.39
C HIS A 261 -5.72 -5.57 -7.93
N ARG A 262 -5.10 -4.40 -8.06
CA ARG A 262 -3.72 -4.25 -8.52
C ARG A 262 -3.00 -3.28 -7.56
N MET A 263 -1.70 -3.50 -7.31
CA MET A 263 -0.91 -2.65 -6.43
C MET A 263 -0.79 -1.25 -7.00
N ASP A 264 -0.74 -0.26 -6.11
CA ASP A 264 -0.65 1.16 -6.47
C ASP A 264 0.69 1.46 -7.15
N LYS A 265 0.75 2.55 -7.89
CA LYS A 265 1.97 3.03 -8.52
C LYS A 265 2.97 3.51 -7.46
N PRO A 266 4.19 2.95 -7.40
CA PRO A 266 5.21 3.49 -6.47
C PRO A 266 5.55 4.95 -6.84
N SER A 267 6.00 5.72 -5.86
CA SER A 267 6.36 7.13 -6.10
C SER A 267 7.64 7.27 -6.99
N ASN A 268 8.59 6.33 -6.91
CA ASN A 268 9.82 6.42 -7.71
C ASN A 268 9.65 5.71 -9.05
N CYS A 269 8.53 6.00 -9.75
CA CYS A 269 8.11 5.31 -10.96
C CYS A 269 7.37 6.21 -11.98
N THR A 270 7.71 6.10 -13.29
CA THR A 270 7.05 6.86 -14.36
C THR A 270 5.71 6.19 -14.69
N ASN A 271 4.84 6.91 -15.40
CA ASN A 271 3.54 6.35 -15.82
C ASN A 271 3.76 5.18 -16.78
N GLU A 272 4.78 5.28 -17.63
CA GLU A 272 5.15 4.27 -18.61
C GLU A 272 5.58 2.95 -17.94
N LEU A 273 6.36 3.04 -16.86
CA LEU A 273 6.83 1.86 -16.12
C LEU A 273 5.72 1.23 -15.29
N TYR A 274 4.79 2.05 -14.79
CA TYR A 274 3.63 1.53 -14.08
C TYR A 274 2.69 0.83 -15.07
N MET A 275 2.51 1.37 -16.28
N MET A 275 2.54 1.37 -16.30
CA MET A 275 1.68 0.69 -17.27
CA MET A 275 1.75 0.77 -17.38
C MET A 275 2.34 -0.64 -17.69
C MET A 275 2.35 -0.61 -17.70
N MET A 276 3.70 -0.69 -17.72
CA MET A 276 4.43 -1.95 -17.99
C MET A 276 4.08 -2.99 -16.88
N MET A 277 4.08 -2.57 -15.59
CA MET A 277 3.72 -3.45 -14.46
C MET A 277 2.28 -3.93 -14.61
N ARG A 278 1.36 -3.00 -14.89
CA ARG A 278 -0.06 -3.33 -15.10
C ARG A 278 -0.24 -4.30 -16.26
N ASP A 279 0.53 -4.15 -17.35
CA ASP A 279 0.48 -5.05 -18.52
C ASP A 279 0.96 -6.46 -18.14
N CYS A 280 2.01 -6.54 -17.32
CA CYS A 280 2.51 -7.82 -16.80
C CYS A 280 1.41 -8.48 -15.97
N TRP A 281 0.55 -7.66 -15.34
CA TRP A 281 -0.54 -8.12 -14.49
C TRP A 281 -1.89 -8.22 -15.20
N HIS A 282 -1.88 -8.44 -16.53
CA HIS A 282 -3.13 -8.63 -17.26
C HIS A 282 -3.81 -9.89 -16.73
N ALA A 283 -5.14 -9.81 -16.49
CA ALA A 283 -5.97 -10.94 -16.04
C ALA A 283 -5.89 -12.09 -17.08
N VAL A 284 -5.78 -11.73 -18.39
CA VAL A 284 -5.65 -12.72 -19.49
C VAL A 284 -4.18 -12.99 -19.79
N PRO A 285 -3.69 -14.22 -19.48
CA PRO A 285 -2.25 -14.54 -19.72
C PRO A 285 -1.73 -14.24 -21.14
N SER A 286 -2.53 -14.56 -22.17
CA SER A 286 -2.14 -14.33 -23.58
C SER A 286 -1.94 -12.82 -23.93
N GLN A 287 -2.51 -11.93 -23.13
CA GLN A 287 -2.45 -10.49 -23.36
C GLN A 287 -1.28 -9.80 -22.70
N ARG A 288 -0.56 -10.51 -21.82
CA ARG A 288 0.61 -9.96 -21.13
C ARG A 288 1.75 -9.80 -22.15
N PRO A 289 2.70 -8.85 -21.96
CA PRO A 289 3.86 -8.81 -22.86
C PRO A 289 4.73 -10.06 -22.62
N THR A 290 5.56 -10.43 -23.59
CA THR A 290 6.51 -11.53 -23.40
C THR A 290 7.80 -10.91 -22.87
N PHE A 291 8.76 -11.74 -22.43
CA PHE A 291 10.06 -11.26 -21.98
C PHE A 291 10.83 -10.64 -23.17
N LYS A 292 10.63 -11.16 -24.39
CA LYS A 292 11.26 -10.58 -25.59
C LYS A 292 10.79 -9.10 -25.76
N GLN A 293 9.48 -8.85 -25.61
CA GLN A 293 8.92 -7.49 -25.70
C GLN A 293 9.41 -6.59 -24.57
N LEU A 294 9.42 -7.12 -23.33
CA LEU A 294 9.89 -6.39 -22.13
C LEU A 294 11.35 -5.98 -22.27
N VAL A 295 12.20 -6.86 -22.82
CA VAL A 295 13.61 -6.56 -23.07
C VAL A 295 13.71 -5.38 -24.04
N GLU A 296 12.92 -5.40 -25.14
CA GLU A 296 12.93 -4.33 -26.16
C GLU A 296 12.47 -3.01 -25.56
N ASP A 297 11.31 -3.02 -24.85
CA ASP A 297 10.73 -1.84 -24.21
C ASP A 297 11.72 -1.29 -23.17
N LEU A 298 12.29 -2.18 -22.34
CA LEU A 298 13.22 -1.74 -21.31
C LEU A 298 14.51 -1.18 -21.86
N ASP A 299 15.02 -1.75 -22.96
CA ASP A 299 16.23 -1.25 -23.61
C ASP A 299 16.01 0.21 -24.09
N ARG A 300 14.84 0.45 -24.74
CA ARG A 300 14.42 1.78 -25.20
C ARG A 300 14.33 2.77 -23.99
N ILE A 301 13.65 2.36 -22.89
CA ILE A 301 13.47 3.18 -21.66
C ILE A 301 14.81 3.52 -20.97
N VAL A 302 15.74 2.53 -20.81
CA VAL A 302 17.06 2.74 -20.19
C VAL A 302 17.74 3.94 -20.86
N ALA A 303 17.81 3.92 -22.21
CA ALA A 303 18.43 4.94 -23.06
C ALA A 303 17.81 6.33 -22.90
N LEU A 304 16.52 6.41 -22.53
CA LEU A 304 15.80 7.68 -22.34
C LEU A 304 15.64 8.12 -20.86
N THR A 305 16.08 7.27 -19.90
CA THR A 305 15.97 7.56 -18.47
C THR A 305 17.21 8.30 -17.99
N SER A 306 17.00 9.40 -17.24
CA SER A 306 18.05 10.23 -16.68
C SER A 306 18.83 9.52 -15.59
N ASN A 307 20.16 9.71 -15.59
CA ASN A 307 21.03 9.20 -14.53
C ASN A 307 21.43 10.42 -13.63
N GLN A 308 20.80 11.59 -13.87
CA GLN A 308 21.09 12.85 -13.14
C GLN A 308 20.34 12.98 -11.81
N GLU A 309 19.41 12.07 -11.56
CA GLU A 309 18.59 12.04 -10.35
C GLU A 309 18.25 10.58 -9.99
N GLY B 3 -34.75 11.63 29.67
CA GLY B 3 -35.77 11.31 30.66
C GLY B 3 -37.07 12.06 30.47
N VAL B 4 -37.00 13.41 30.52
CA VAL B 4 -38.16 14.30 30.35
C VAL B 4 -38.67 14.27 28.89
N SER B 5 -37.72 14.05 27.95
CA SER B 5 -37.93 13.98 26.50
C SER B 5 -38.83 12.83 26.04
N GLU B 6 -39.30 11.97 26.96
CA GLU B 6 -40.23 10.86 26.65
C GLU B 6 -41.57 11.38 26.17
N TYR B 7 -42.06 12.51 26.77
CA TYR B 7 -43.34 13.13 26.40
C TYR B 7 -43.19 14.45 25.68
N GLU B 8 -42.20 15.24 26.06
CA GLU B 8 -41.95 16.53 25.43
C GLU B 8 -40.48 16.88 25.58
N LEU B 9 -39.91 17.53 24.56
CA LEU B 9 -38.52 17.96 24.60
C LEU B 9 -38.50 19.41 25.10
N PRO B 10 -37.37 19.91 25.66
CA PRO B 10 -37.31 21.35 26.03
C PRO B 10 -37.37 22.20 24.77
N GLU B 11 -37.90 23.40 24.90
N GLU B 11 -37.93 23.41 24.88
CA GLU B 11 -38.00 24.36 23.80
CA GLU B 11 -38.06 24.36 23.78
C GLU B 11 -36.71 25.14 23.64
C GLU B 11 -36.87 25.30 23.67
N ASP B 12 -36.49 25.65 22.43
CA ASP B 12 -35.38 26.56 22.10
C ASP B 12 -35.87 27.42 20.93
N PRO B 13 -36.63 28.52 21.23
CA PRO B 13 -37.17 29.38 20.16
C PRO B 13 -36.15 29.93 19.15
N ARG B 14 -34.88 30.13 19.59
CA ARG B 14 -33.79 30.62 18.72
C ARG B 14 -33.58 29.72 17.49
N TRP B 15 -33.84 28.42 17.65
CA TRP B 15 -33.58 27.41 16.62
C TRP B 15 -34.82 26.76 16.05
N GLU B 16 -35.96 26.89 16.75
CA GLU B 16 -37.19 26.25 16.35
C GLU B 16 -37.70 26.69 14.98
N LEU B 17 -37.98 25.70 14.13
CA LEU B 17 -38.57 25.93 12.81
C LEU B 17 -39.95 25.29 12.79
N PRO B 18 -41.02 26.04 12.41
CA PRO B 18 -42.35 25.42 12.31
C PRO B 18 -42.33 24.32 11.24
N ARG B 19 -43.05 23.23 11.50
CA ARG B 19 -43.09 22.05 10.63
C ARG B 19 -43.68 22.31 9.23
N ASP B 20 -44.56 23.34 9.11
CA ASP B 20 -45.17 23.76 7.83
C ASP B 20 -44.11 24.40 6.91
N ARG B 21 -42.97 24.83 7.50
CA ARG B 21 -41.82 25.44 6.83
C ARG B 21 -40.72 24.41 6.46
N LEU B 22 -41.07 23.11 6.53
CA LEU B 22 -40.17 22.01 6.19
C LEU B 22 -40.92 20.97 5.38
N VAL B 23 -40.38 20.64 4.19
CA VAL B 23 -40.92 19.65 3.27
C VAL B 23 -39.87 18.56 3.10
N LEU B 24 -40.09 17.40 3.75
CA LEU B 24 -39.18 16.27 3.70
C LEU B 24 -39.18 15.60 2.33
N GLY B 25 -38.01 15.16 1.87
CA GLY B 25 -37.84 14.54 0.57
C GLY B 25 -37.12 13.20 0.60
N LYS B 26 -36.28 12.95 -0.40
CA LYS B 26 -35.52 11.72 -0.61
C LYS B 26 -34.57 11.32 0.53
N PRO B 27 -34.42 10.02 0.84
CA PRO B 27 -33.45 9.61 1.88
C PRO B 27 -32.00 9.80 1.40
N LEU B 28 -31.11 10.27 2.28
CA LEU B 28 -29.69 10.49 1.97
C LEU B 28 -28.77 9.46 2.60
N GLY B 29 -29.22 8.86 3.71
CA GLY B 29 -28.45 7.88 4.46
C GLY B 29 -29.21 7.28 5.63
N GLU B 30 -28.69 6.15 6.14
CA GLU B 30 -29.28 5.42 7.25
C GLU B 30 -28.23 4.84 8.16
N GLY B 31 -28.52 4.89 9.45
CA GLY B 31 -27.70 4.32 10.50
C GLY B 31 -28.47 3.22 11.18
N ALA B 32 -27.98 2.76 12.35
CA ALA B 32 -28.65 1.71 13.11
C ALA B 32 -30.03 2.17 13.61
N PHE B 33 -30.15 3.40 14.16
CA PHE B 33 -31.42 3.93 14.69
C PHE B 33 -31.75 5.38 14.25
N GLY B 34 -30.90 5.92 13.38
CA GLY B 34 -31.04 7.26 12.79
C GLY B 34 -31.05 7.20 11.27
N GLN B 35 -31.55 8.27 10.65
CA GLN B 35 -31.64 8.44 9.20
C GLN B 35 -31.55 9.92 8.83
N VAL B 36 -31.15 10.18 7.57
CA VAL B 36 -30.98 11.53 7.04
C VAL B 36 -31.75 11.62 5.75
N VAL B 37 -32.58 12.65 5.62
CA VAL B 37 -33.37 12.91 4.43
C VAL B 37 -33.04 14.30 3.84
N LEU B 38 -33.18 14.41 2.53
CA LEU B 38 -33.03 15.69 1.85
C LEU B 38 -34.36 16.43 2.08
N ALA B 39 -34.30 17.74 2.34
CA ALA B 39 -35.52 18.51 2.56
C ALA B 39 -35.42 19.93 2.03
N GLU B 40 -36.55 20.61 1.96
CA GLU B 40 -36.64 22.00 1.54
C GLU B 40 -37.15 22.78 2.73
N ALA B 41 -36.35 23.74 3.21
CA ALA B 41 -36.74 24.58 4.32
C ALA B 41 -37.09 25.97 3.79
N ILE B 42 -38.31 26.44 4.09
CA ILE B 42 -38.79 27.76 3.66
C ILE B 42 -38.48 28.79 4.73
N GLY B 43 -37.69 29.79 4.36
CA GLY B 43 -37.28 30.91 5.21
C GLY B 43 -36.55 30.57 6.50
N LEU B 44 -35.29 30.10 6.38
CA LEU B 44 -34.46 29.80 7.55
C LEU B 44 -33.90 31.08 8.14
N ASP B 45 -33.62 32.09 7.28
CA ASP B 45 -33.05 33.38 7.66
C ASP B 45 -33.79 34.52 6.97
N LYS B 48 -35.21 37.07 4.51
CA LYS B 48 -35.75 36.26 3.40
C LYS B 48 -36.66 35.14 3.94
N PRO B 49 -37.91 35.47 4.35
CA PRO B 49 -38.81 34.44 4.91
C PRO B 49 -39.47 33.49 3.91
N ASN B 50 -39.40 33.81 2.60
CA ASN B 50 -40.02 33.00 1.54
C ASN B 50 -38.99 32.27 0.67
N ARG B 51 -37.68 32.42 1.00
CA ARG B 51 -36.56 31.78 0.30
C ARG B 51 -36.47 30.30 0.68
N VAL B 52 -36.36 29.42 -0.34
CA VAL B 52 -36.25 27.96 -0.17
C VAL B 52 -34.80 27.51 -0.18
N THR B 53 -34.43 26.73 0.84
CA THR B 53 -33.08 26.20 1.01
C THR B 53 -33.17 24.67 1.05
N LYS B 54 -32.34 24.00 0.25
CA LYS B 54 -32.22 22.54 0.30
C LYS B 54 -31.39 22.28 1.57
N VAL B 55 -31.87 21.38 2.44
CA VAL B 55 -31.20 21.04 3.72
C VAL B 55 -31.15 19.53 3.94
N ALA B 56 -30.32 19.09 4.92
CA ALA B 56 -30.25 17.70 5.33
C ALA B 56 -30.96 17.64 6.69
N VAL B 57 -31.82 16.64 6.88
CA VAL B 57 -32.58 16.49 8.11
C VAL B 57 -32.28 15.16 8.79
N LYS B 58 -31.71 15.23 10.00
CA LYS B 58 -31.41 14.04 10.82
C LYS B 58 -32.60 13.77 11.73
N MET B 59 -33.01 12.53 11.80
CA MET B 59 -34.15 12.15 12.64
C MET B 59 -33.94 10.74 13.14
N LEU B 60 -34.80 10.26 14.03
CA LEU B 60 -34.74 8.88 14.47
C LEU B 60 -35.48 7.98 13.47
N LYS B 61 -35.14 6.68 13.46
CA LYS B 61 -35.89 5.70 12.71
C LYS B 61 -36.98 5.21 13.68
N SER B 62 -38.05 4.56 13.16
CA SER B 62 -39.19 4.08 13.94
C SER B 62 -38.86 3.02 15.03
N ASP B 63 -37.67 2.41 14.93
CA ASP B 63 -37.23 1.42 15.91
C ASP B 63 -36.32 2.04 17.00
N ALA B 64 -36.20 3.37 17.03
CA ALA B 64 -35.31 4.04 18.01
C ALA B 64 -35.83 3.99 19.45
N THR B 65 -34.90 4.02 20.42
CA THR B 65 -35.25 4.02 21.84
C THR B 65 -34.99 5.40 22.44
N GLU B 66 -35.26 5.55 23.76
CA GLU B 66 -35.03 6.78 24.52
C GLU B 66 -33.54 7.20 24.48
N LYS B 67 -32.64 6.21 24.50
CA LYS B 67 -31.18 6.40 24.39
C LYS B 67 -30.80 7.04 23.05
N ASP B 68 -31.44 6.58 21.95
CA ASP B 68 -31.18 7.13 20.61
C ASP B 68 -31.67 8.57 20.52
N LEU B 69 -32.79 8.87 21.16
CA LEU B 69 -33.30 10.23 21.22
C LEU B 69 -32.32 11.11 22.01
N SER B 70 -31.84 10.64 23.18
CA SER B 70 -30.88 11.41 23.98
C SER B 70 -29.57 11.68 23.20
N ASP B 71 -29.12 10.72 22.36
CA ASP B 71 -27.93 10.86 21.51
C ASP B 71 -28.13 11.92 20.43
N LEU B 72 -29.32 11.94 19.78
CA LEU B 72 -29.61 12.93 18.75
C LEU B 72 -29.74 14.35 19.33
N ILE B 73 -30.34 14.48 20.53
CA ILE B 73 -30.48 15.75 21.27
C ILE B 73 -29.09 16.27 21.62
N SER B 74 -28.23 15.39 22.21
CA SER B 74 -26.86 15.72 22.59
C SER B 74 -26.08 16.26 21.38
N GLU B 75 -26.24 15.63 20.19
CA GLU B 75 -25.54 16.07 18.98
C GLU B 75 -25.99 17.47 18.61
N MET B 76 -27.32 17.68 18.56
CA MET B 76 -27.89 18.99 18.30
C MET B 76 -27.33 20.02 19.32
N GLU B 77 -27.36 19.68 20.63
CA GLU B 77 -26.87 20.58 21.67
C GLU B 77 -25.40 20.89 21.48
N MET B 78 -24.58 19.86 21.13
CA MET B 78 -23.15 20.03 20.83
C MET B 78 -22.91 21.00 19.66
N MET B 79 -23.69 20.88 18.57
CA MET B 79 -23.62 21.81 17.42
C MET B 79 -23.92 23.25 17.84
N LYS B 80 -24.93 23.46 18.73
CA LYS B 80 -25.24 24.81 19.23
C LYS B 80 -24.05 25.43 19.99
N MET B 81 -23.42 24.63 20.86
CA MET B 81 -22.28 25.05 21.67
C MET B 81 -21.05 25.36 20.82
N ILE B 82 -20.82 24.58 19.74
CA ILE B 82 -19.64 24.73 18.86
C ILE B 82 -19.70 26.00 18.03
N GLY B 83 -20.90 26.35 17.58
CA GLY B 83 -21.11 27.53 16.76
C GLY B 83 -20.77 27.25 15.29
N LYS B 84 -20.81 28.30 14.49
CA LYS B 84 -20.64 28.27 13.05
C LYS B 84 -19.22 28.39 12.50
N HIS B 85 -18.93 27.61 11.44
CA HIS B 85 -17.68 27.69 10.68
C HIS B 85 -17.94 27.24 9.28
N LYS B 86 -17.28 27.90 8.31
CA LYS B 86 -17.39 27.59 6.89
C LYS B 86 -17.02 26.13 6.60
N ASN B 87 -16.02 25.58 7.31
CA ASN B 87 -15.54 24.24 7.04
C ASN B 87 -16.06 23.09 7.89
N ILE B 88 -17.25 23.30 8.47
CA ILE B 88 -17.96 22.28 9.24
C ILE B 88 -19.42 22.28 8.75
N ILE B 89 -20.11 21.17 8.97
CA ILE B 89 -21.54 21.07 8.67
C ILE B 89 -22.24 21.84 9.80
N ASN B 90 -22.96 22.91 9.45
CA ASN B 90 -23.61 23.74 10.47
C ASN B 90 -25.05 23.37 10.78
N LEU B 91 -25.49 23.69 12.00
CA LEU B 91 -26.87 23.55 12.45
C LEU B 91 -27.64 24.70 11.84
N LEU B 92 -28.81 24.44 11.24
CA LEU B 92 -29.63 25.49 10.63
C LEU B 92 -30.94 25.68 11.36
N GLY B 93 -31.40 24.64 12.06
CA GLY B 93 -32.64 24.70 12.81
C GLY B 93 -33.06 23.35 13.36
N ALA B 94 -34.26 23.31 13.96
CA ALA B 94 -34.82 22.09 14.55
C ALA B 94 -36.32 22.18 14.74
N CYS B 95 -36.99 21.02 14.67
CA CYS B 95 -38.41 20.81 14.97
C CYS B 95 -38.33 19.86 16.15
N THR B 96 -38.53 20.39 17.36
CA THR B 96 -38.41 19.62 18.60
C THR B 96 -39.77 19.43 19.26
N GLN B 97 -40.73 20.29 18.89
CA GLN B 97 -42.04 20.30 19.54
C GLN B 97 -43.12 19.61 18.74
N ASP B 98 -44.09 18.99 19.44
CA ASP B 98 -45.26 18.35 18.85
C ASP B 98 -44.95 17.44 17.66
N GLY B 99 -44.12 16.45 17.88
CA GLY B 99 -43.78 15.49 16.85
C GLY B 99 -42.33 15.04 16.89
N PRO B 100 -41.93 14.19 15.90
CA PRO B 100 -40.55 13.70 15.87
C PRO B 100 -39.48 14.79 15.82
N LEU B 101 -38.36 14.51 16.49
CA LEU B 101 -37.24 15.44 16.50
C LEU B 101 -36.57 15.47 15.13
N TYR B 102 -36.43 16.68 14.54
CA TYR B 102 -35.76 16.89 13.27
C TYR B 102 -34.58 17.84 13.50
N VAL B 103 -33.37 17.39 13.19
CA VAL B 103 -32.17 18.24 13.38
C VAL B 103 -31.77 18.66 11.97
N ILE B 104 -31.94 19.95 11.68
CA ILE B 104 -31.71 20.52 10.35
C ILE B 104 -30.30 21.05 10.22
N VAL B 105 -29.55 20.45 9.30
CA VAL B 105 -28.15 20.79 9.07
C VAL B 105 -27.92 21.10 7.60
N GLU B 106 -26.75 21.65 7.25
CA GLU B 106 -26.38 21.97 5.86
C GLU B 106 -26.36 20.77 4.94
N TYR B 107 -26.84 20.97 3.71
CA TYR B 107 -26.81 19.97 2.64
C TYR B 107 -25.58 20.19 1.75
N ALA B 108 -24.82 19.13 1.51
CA ALA B 108 -23.60 19.10 0.71
C ALA B 108 -23.93 18.24 -0.51
N SER B 109 -24.20 18.90 -1.66
CA SER B 109 -24.61 18.25 -2.91
C SER B 109 -23.57 17.36 -3.60
N LYS B 110 -22.29 17.51 -3.27
CA LYS B 110 -21.28 16.69 -3.95
C LYS B 110 -20.83 15.44 -3.16
N GLY B 111 -21.60 15.08 -2.13
CA GLY B 111 -21.36 13.91 -1.30
C GLY B 111 -20.09 13.99 -0.47
N ASN B 112 -19.59 12.82 -0.02
CA ASN B 112 -18.37 12.81 0.79
C ASN B 112 -17.09 12.99 -0.04
N LEU B 113 -16.00 13.39 0.62
CA LEU B 113 -14.71 13.65 -0.04
C LEU B 113 -14.14 12.42 -0.81
N ARG B 114 -14.33 11.21 -0.27
CA ARG B 114 -13.87 9.98 -0.92
C ARG B 114 -14.55 9.85 -2.31
N GLU B 115 -15.89 9.92 -2.32
CA GLU B 115 -16.69 9.85 -3.55
C GLU B 115 -16.32 10.98 -4.49
N TYR B 116 -16.10 12.20 -3.96
CA TYR B 116 -15.73 13.40 -4.74
C TYR B 116 -14.41 13.23 -5.51
N LEU B 117 -13.38 12.68 -4.85
CA LEU B 117 -12.06 12.48 -5.44
C LEU B 117 -12.10 11.33 -6.45
N GLN B 118 -12.79 10.24 -6.08
CA GLN B 118 -12.94 9.03 -6.90
C GLN B 118 -13.60 9.30 -8.23
N ALA B 119 -14.58 10.23 -8.25
CA ALA B 119 -15.30 10.59 -9.48
C ALA B 119 -14.52 11.55 -10.34
N ARG B 120 -13.48 12.17 -9.78
CA ARG B 120 -12.69 13.18 -10.48
C ARG B 120 -11.27 12.75 -10.84
N ARG B 121 -11.04 11.42 -10.86
CA ARG B 121 -9.74 10.84 -11.19
C ARG B 121 -9.49 11.04 -12.69
N PRO B 122 -8.39 11.73 -13.07
CA PRO B 122 -8.11 11.93 -14.52
C PRO B 122 -7.81 10.63 -15.25
N PRO B 123 -8.03 10.53 -16.60
CA PRO B 123 -7.67 9.28 -17.30
C PRO B 123 -6.14 9.19 -17.38
N GLY B 124 -5.58 8.39 -16.48
CA GLY B 124 -4.13 8.20 -16.31
C GLY B 124 -3.73 8.25 -14.85
N LEU B 125 -4.73 8.07 -13.97
CA LEU B 125 -4.69 8.00 -12.50
C LEU B 125 -5.82 7.05 -12.09
N GLU B 126 -6.80 6.88 -13.00
CA GLU B 126 -7.92 5.94 -12.92
C GLU B 126 -7.58 4.87 -13.96
N TYR B 127 -7.28 3.65 -13.49
CA TYR B 127 -6.89 2.54 -14.35
C TYR B 127 -8.03 1.53 -14.53
N SER B 128 -9.26 1.97 -14.18
CA SER B 128 -10.50 1.20 -14.30
C SER B 128 -11.68 2.08 -14.74
N TYR B 129 -12.71 1.44 -15.34
CA TYR B 129 -13.91 2.11 -15.84
C TYR B 129 -14.77 2.67 -14.71
N HIS B 133 -18.19 8.89 -12.47
CA HIS B 133 -17.00 9.53 -13.01
C HIS B 133 -17.34 10.85 -13.72
N ASN B 134 -16.92 11.97 -13.12
CA ASN B 134 -17.16 13.35 -13.58
C ASN B 134 -16.08 13.82 -14.58
N PRO B 135 -16.40 13.88 -15.90
CA PRO B 135 -15.39 14.32 -16.89
C PRO B 135 -15.27 15.84 -17.06
N GLU B 136 -16.16 16.62 -16.41
CA GLU B 136 -16.17 18.08 -16.48
C GLU B 136 -15.33 18.74 -15.37
N GLU B 137 -15.24 18.11 -14.18
CA GLU B 137 -14.50 18.63 -13.03
C GLU B 137 -13.17 17.87 -12.78
N GLN B 138 -12.04 18.41 -13.24
CA GLN B 138 -10.74 17.76 -12.99
C GLN B 138 -10.03 18.51 -11.86
N LEU B 139 -9.37 17.76 -10.97
CA LEU B 139 -8.68 18.34 -9.82
C LEU B 139 -7.19 18.54 -10.06
N SER B 140 -6.70 19.78 -9.87
CA SER B 140 -5.29 20.13 -10.02
C SER B 140 -4.56 19.81 -8.69
N SER B 141 -3.22 19.97 -8.68
CA SER B 141 -2.39 19.79 -7.49
C SER B 141 -2.79 20.82 -6.42
N LYS B 142 -3.05 22.08 -6.82
CA LYS B 142 -3.50 23.16 -5.94
C LYS B 142 -4.84 22.83 -5.24
N ASP B 143 -5.84 22.31 -6.02
CA ASP B 143 -7.16 21.89 -5.52
C ASP B 143 -7.02 20.82 -4.43
N LEU B 144 -6.08 19.88 -4.60
CA LEU B 144 -5.87 18.82 -3.61
C LEU B 144 -5.33 19.38 -2.30
N VAL B 145 -4.35 20.27 -2.39
CA VAL B 145 -3.76 20.94 -1.20
C VAL B 145 -4.83 21.85 -0.56
N SER B 146 -5.64 22.51 -1.41
CA SER B 146 -6.75 23.36 -0.99
C SER B 146 -7.74 22.55 -0.15
N CYS B 147 -8.07 21.30 -0.59
N CYS B 147 -8.05 21.32 -0.59
CA CYS B 147 -8.94 20.34 0.11
CA CYS B 147 -8.93 20.38 0.09
C CYS B 147 -8.36 20.07 1.49
C CYS B 147 -8.36 20.04 1.48
N ALA B 148 -7.04 19.74 1.57
CA ALA B 148 -6.32 19.45 2.82
C ALA B 148 -6.35 20.68 3.79
N TYR B 149 -6.10 21.89 3.26
CA TYR B 149 -6.17 23.16 4.00
C TYR B 149 -7.57 23.39 4.61
N GLN B 150 -8.63 23.26 3.80
CA GLN B 150 -10.02 23.47 4.26
C GLN B 150 -10.39 22.53 5.42
N VAL B 151 -10.02 21.23 5.31
CA VAL B 151 -10.27 20.25 6.36
C VAL B 151 -9.46 20.64 7.61
N ALA B 152 -8.18 21.01 7.45
CA ALA B 152 -7.32 21.43 8.58
C ALA B 152 -7.92 22.65 9.27
N ARG B 153 -8.52 23.58 8.49
CA ARG B 153 -9.13 24.80 9.00
C ARG B 153 -10.37 24.49 9.83
N GLY B 154 -11.19 23.59 9.31
CA GLY B 154 -12.40 23.13 9.99
C GLY B 154 -12.03 22.44 11.28
N MET B 155 -10.98 21.59 11.24
CA MET B 155 -10.50 20.86 12.42
C MET B 155 -9.88 21.79 13.44
N GLU B 156 -9.19 22.86 12.99
CA GLU B 156 -8.58 23.85 13.86
C GLU B 156 -9.70 24.57 14.63
N TYR B 157 -10.83 24.86 13.92
CA TYR B 157 -11.98 25.51 14.55
C TYR B 157 -12.61 24.58 15.59
N LEU B 158 -12.87 23.31 15.21
CA LEU B 158 -13.44 22.33 16.13
C LEU B 158 -12.56 22.15 17.36
N ALA B 159 -11.22 21.99 17.18
CA ALA B 159 -10.27 21.88 18.28
C ALA B 159 -10.31 23.09 19.24
N SER B 160 -10.51 24.33 18.72
CA SER B 160 -10.61 25.59 19.49
C SER B 160 -11.91 25.61 20.30
N LYS B 161 -12.90 24.83 19.86
CA LYS B 161 -14.18 24.69 20.52
C LYS B 161 -14.22 23.40 21.37
N LYS B 162 -13.01 22.85 21.69
CA LYS B 162 -12.82 21.66 22.55
C LYS B 162 -13.42 20.37 21.98
N CYS B 163 -13.65 20.34 20.65
CA CYS B 163 -14.26 19.20 20.00
C CYS B 163 -13.20 18.25 19.43
N ILE B 164 -13.21 17.00 19.90
CA ILE B 164 -12.36 15.93 19.41
C ILE B 164 -13.30 15.11 18.50
N HIS B 165 -12.97 14.96 17.19
CA HIS B 165 -13.82 14.23 16.25
C HIS B 165 -13.85 12.73 16.55
N ARG B 166 -12.67 12.07 16.61
CA ARG B 166 -12.49 10.63 16.91
C ARG B 166 -12.65 9.74 15.69
N ASP B 167 -13.23 10.27 14.59
CA ASP B 167 -13.42 9.46 13.37
C ASP B 167 -13.18 10.34 12.11
N LEU B 168 -12.09 11.11 12.14
CA LEU B 168 -11.78 11.97 11.00
C LEU B 168 -11.30 11.07 9.85
N ALA B 169 -11.98 11.18 8.71
CA ALA B 169 -11.70 10.38 7.51
C ALA B 169 -12.41 11.08 6.36
N ALA B 170 -11.94 10.87 5.10
CA ALA B 170 -12.59 11.46 3.91
C ALA B 170 -14.10 11.19 3.85
N ARG B 171 -14.55 10.03 4.35
CA ARG B 171 -15.98 9.69 4.39
C ARG B 171 -16.81 10.67 5.28
N ASN B 172 -16.16 11.32 6.30
CA ASN B 172 -16.81 12.28 7.21
C ASN B 172 -16.60 13.74 6.84
N VAL B 173 -16.13 13.96 5.60
CA VAL B 173 -15.94 15.27 5.01
C VAL B 173 -16.90 15.36 3.84
N LEU B 174 -17.79 16.34 3.89
CA LEU B 174 -18.77 16.51 2.82
C LEU B 174 -18.34 17.68 1.96
N VAL B 175 -18.69 17.65 0.67
CA VAL B 175 -18.31 18.68 -0.32
C VAL B 175 -19.61 19.34 -0.82
N THR B 176 -19.68 20.68 -0.79
CA THR B 176 -20.87 21.45 -1.24
C THR B 176 -20.81 21.70 -2.75
N GLU B 177 -21.88 22.32 -3.31
CA GLU B 177 -21.97 22.70 -4.73
C GLU B 177 -20.82 23.61 -5.15
N ASP B 178 -20.33 24.46 -4.23
CA ASP B 178 -19.24 25.41 -4.45
C ASP B 178 -17.85 24.85 -4.08
N ASN B 179 -17.75 23.51 -3.90
CA ASN B 179 -16.50 22.78 -3.59
C ASN B 179 -15.88 23.08 -2.22
N VAL B 180 -16.72 23.47 -1.26
CA VAL B 180 -16.31 23.77 0.10
C VAL B 180 -16.31 22.47 0.94
N MET B 181 -15.19 22.20 1.61
CA MET B 181 -15.03 21.02 2.48
C MET B 181 -15.69 21.33 3.82
N LYS B 182 -16.54 20.41 4.29
CA LYS B 182 -17.29 20.54 5.54
C LYS B 182 -17.23 19.26 6.33
N ILE B 183 -16.61 19.33 7.49
CA ILE B 183 -16.47 18.18 8.38
C ILE B 183 -17.85 17.87 8.96
N ALA B 184 -18.25 16.58 8.88
CA ALA B 184 -19.52 16.07 9.40
C ALA B 184 -19.23 15.12 10.56
N ASP B 185 -20.26 14.84 11.38
CA ASP B 185 -20.23 13.86 12.47
C ASP B 185 -19.34 14.21 13.63
N PHE B 186 -18.96 15.49 13.76
CA PHE B 186 -18.11 15.95 14.86
C PHE B 186 -18.89 16.01 16.19
N GLY B 187 -20.22 16.08 16.12
CA GLY B 187 -21.07 16.21 17.31
C GLY B 187 -21.63 14.92 17.84
N LEU B 188 -21.32 13.77 17.19
CA LEU B 188 -21.84 12.45 17.58
C LEU B 188 -21.48 12.01 18.98
N ALA B 189 -22.46 11.43 19.69
CA ALA B 189 -22.27 10.86 21.04
C ALA B 189 -21.64 9.49 20.80
N ARG B 190 -20.36 9.31 21.15
CA ARG B 190 -19.70 8.04 20.86
C ARG B 190 -19.80 6.97 21.95
N ASP B 191 -19.87 5.70 21.49
CA ASP B 191 -20.04 4.48 22.26
C ASP B 191 -19.06 4.19 23.39
N ILE B 192 -19.60 3.62 24.49
CA ILE B 192 -18.92 3.16 25.71
C ILE B 192 -19.75 1.96 26.26
N HIS B 193 -19.15 0.74 26.49
CA HIS B 193 -17.74 0.35 26.38
C HIS B 193 -17.14 0.47 24.98
N HIS B 194 -17.33 -0.56 24.10
CA HIS B 194 -16.86 -0.60 22.71
C HIS B 194 -15.32 -0.27 22.58
N ILE B 195 -14.75 0.05 21.38
CA ILE B 195 -15.34 0.12 20.05
C ILE B 195 -15.21 -1.23 19.34
N ASP B 196 -16.16 -1.53 18.45
CA ASP B 196 -16.13 -2.75 17.68
C ASP B 196 -15.13 -2.57 16.54
N TYR B 197 -13.88 -2.99 16.78
CA TYR B 197 -12.75 -2.90 15.84
C TYR B 197 -12.97 -3.61 14.52
N TYR B 198 -13.87 -4.62 14.50
CA TYR B 198 -14.19 -5.44 13.32
C TYR B 198 -15.33 -4.90 12.45
N LYS B 199 -16.14 -3.94 12.95
CA LYS B 199 -17.24 -3.33 12.19
C LYS B 199 -16.74 -2.55 10.96
N LYS B 200 -17.32 -2.85 9.80
CA LYS B 200 -16.96 -2.19 8.54
C LYS B 200 -17.90 -1.05 8.17
N THR B 201 -17.40 -0.11 7.35
CA THR B 201 -18.20 1.01 6.84
C THR B 201 -19.10 0.45 5.71
N THR B 202 -20.08 1.28 5.26
CA THR B 202 -21.00 0.98 4.15
C THR B 202 -20.20 0.51 2.90
N ASN B 203 -19.04 1.15 2.62
CA ASN B 203 -18.15 0.81 1.49
C ASN B 203 -17.17 -0.37 1.77
N GLY B 204 -17.33 -1.04 2.91
CA GLY B 204 -16.52 -2.20 3.29
C GLY B 204 -15.12 -1.94 3.81
N ARG B 205 -14.86 -0.72 4.34
CA ARG B 205 -13.55 -0.36 4.90
C ARG B 205 -13.58 -0.42 6.43
N LEU B 206 -12.41 -0.59 7.06
CA LEU B 206 -12.29 -0.67 8.52
C LEU B 206 -11.81 0.66 9.15
N PRO B 207 -12.69 1.37 9.91
CA PRO B 207 -12.30 2.65 10.54
C PRO B 207 -11.05 2.66 11.42
N VAL B 208 -10.65 1.49 12.01
CA VAL B 208 -9.45 1.37 12.85
C VAL B 208 -8.22 1.88 12.09
N LYS B 209 -8.25 1.77 10.75
CA LYS B 209 -7.16 2.19 9.85
C LYS B 209 -6.89 3.70 9.87
N TRP B 210 -7.78 4.49 10.49
CA TRP B 210 -7.60 5.94 10.65
C TRP B 210 -7.20 6.31 12.09
N MET B 211 -7.21 5.32 12.98
CA MET B 211 -6.98 5.55 14.41
C MET B 211 -5.52 5.62 14.81
N ALA B 212 -5.19 6.63 15.64
CA ALA B 212 -3.85 6.81 16.21
C ALA B 212 -3.53 5.60 17.11
N PRO B 213 -2.25 5.15 17.24
CA PRO B 213 -1.96 4.00 18.13
C PRO B 213 -2.38 4.21 19.58
N GLU B 214 -2.20 5.44 20.13
CA GLU B 214 -2.62 5.70 21.52
C GLU B 214 -4.13 5.61 21.70
N ALA B 215 -4.92 5.92 20.66
CA ALA B 215 -6.38 5.79 20.68
C ALA B 215 -6.75 4.32 20.52
N LEU B 216 -6.02 3.61 19.67
CA LEU B 216 -6.30 2.20 19.38
C LEU B 216 -5.87 1.29 20.55
N PHE B 217 -4.66 1.47 21.05
CA PHE B 217 -4.08 0.66 22.13
C PHE B 217 -4.33 1.16 23.54
N ASP B 218 -4.44 2.48 23.73
CA ASP B 218 -4.58 3.02 25.08
C ASP B 218 -5.86 3.80 25.32
N ARG B 219 -6.80 3.77 24.34
CA ARG B 219 -8.11 4.46 24.39
C ARG B 219 -7.98 5.98 24.70
N ILE B 220 -6.84 6.59 24.34
CA ILE B 220 -6.57 8.00 24.57
C ILE B 220 -6.96 8.77 23.30
N TYR B 221 -7.96 9.65 23.41
CA TYR B 221 -8.39 10.47 22.29
C TYR B 221 -8.15 11.93 22.64
N THR B 222 -7.33 12.62 21.82
CA THR B 222 -6.99 14.04 22.02
C THR B 222 -7.09 14.73 20.66
N HIS B 223 -6.73 16.03 20.61
CA HIS B 223 -6.63 16.78 19.35
C HIS B 223 -5.47 16.19 18.53
N GLN B 224 -4.41 15.69 19.21
CA GLN B 224 -3.25 15.04 18.56
C GLN B 224 -3.56 13.66 17.95
N SER B 225 -4.54 12.93 18.51
CA SER B 225 -4.96 11.66 17.89
C SER B 225 -5.78 11.93 16.62
N ASP B 226 -6.50 13.09 16.57
CA ASP B 226 -7.23 13.49 15.35
C ASP B 226 -6.21 13.91 14.30
N VAL B 227 -5.05 14.49 14.72
CA VAL B 227 -3.95 14.85 13.80
C VAL B 227 -3.47 13.59 13.05
N TRP B 228 -3.31 12.46 13.78
CA TRP B 228 -2.94 11.19 13.14
C TRP B 228 -3.95 10.87 12.03
N SER B 229 -5.27 10.95 12.36
CA SER B 229 -6.34 10.65 11.39
C SER B 229 -6.26 11.56 10.18
N PHE B 230 -5.95 12.85 10.41
CA PHE B 230 -5.80 13.84 9.34
C PHE B 230 -4.67 13.42 8.35
N GLY B 231 -3.58 12.83 8.88
CA GLY B 231 -2.48 12.31 8.08
C GLY B 231 -2.98 11.19 7.15
N VAL B 232 -3.89 10.33 7.65
CA VAL B 232 -4.49 9.27 6.83
C VAL B 232 -5.41 9.94 5.82
N LEU B 233 -6.12 10.98 6.26
CA LEU B 233 -7.00 11.74 5.37
C LEU B 233 -6.16 12.37 4.21
N LEU B 234 -4.96 12.90 4.50
CA LEU B 234 -4.05 13.46 3.49
C LEU B 234 -3.67 12.42 2.47
N TRP B 235 -3.34 11.21 2.93
CA TRP B 235 -3.01 10.06 2.07
C TRP B 235 -4.22 9.76 1.18
N GLU B 236 -5.47 9.75 1.76
CA GLU B 236 -6.70 9.55 0.99
C GLU B 236 -6.83 10.60 -0.09
N ILE B 237 -6.48 11.88 0.22
CA ILE B 237 -6.55 12.97 -0.76
C ILE B 237 -5.55 12.76 -1.88
N PHE B 238 -4.28 12.52 -1.53
CA PHE B 238 -3.25 12.37 -2.56
C PHE B 238 -3.31 11.08 -3.39
N THR B 239 -4.03 10.06 -2.89
CA THR B 239 -4.30 8.83 -3.67
C THR B 239 -5.63 8.96 -4.40
N LEU B 240 -6.30 10.13 -4.30
CA LEU B 240 -7.60 10.40 -4.96
C LEU B 240 -8.68 9.42 -4.53
N GLY B 241 -8.81 9.28 -3.23
CA GLY B 241 -9.80 8.41 -2.61
C GLY B 241 -9.38 6.97 -2.51
N GLY B 242 -8.08 6.74 -2.33
CA GLY B 242 -7.53 5.40 -2.18
C GLY B 242 -7.92 4.80 -0.85
N SER B 243 -7.91 3.47 -0.79
CA SER B 243 -8.27 2.68 0.37
C SER B 243 -7.03 2.32 1.18
N PRO B 244 -6.89 2.82 2.42
CA PRO B 244 -5.68 2.49 3.21
C PRO B 244 -5.62 1.02 3.60
N TYR B 245 -4.42 0.45 3.54
CA TYR B 245 -4.14 -0.96 3.88
C TYR B 245 -5.17 -1.95 3.27
N PRO B 246 -5.31 -2.02 1.90
CA PRO B 246 -6.32 -2.93 1.35
C PRO B 246 -5.99 -4.40 1.62
N GLY B 247 -7.00 -5.15 2.09
CA GLY B 247 -6.88 -6.57 2.39
C GLY B 247 -6.21 -6.85 3.73
N VAL B 248 -5.96 -5.80 4.52
CA VAL B 248 -5.32 -5.95 5.82
C VAL B 248 -6.42 -6.13 6.91
N PRO B 249 -6.51 -7.29 7.58
CA PRO B 249 -7.52 -7.41 8.66
C PRO B 249 -7.02 -6.72 9.93
N VAL B 250 -7.92 -6.56 10.92
CA VAL B 250 -7.68 -5.92 12.21
C VAL B 250 -6.40 -6.36 12.93
N GLU B 251 -6.20 -7.69 13.08
CA GLU B 251 -5.03 -8.27 13.79
C GLU B 251 -3.71 -7.93 13.13
N GLU B 252 -3.71 -7.91 11.79
CA GLU B 252 -2.54 -7.59 10.99
C GLU B 252 -2.23 -6.09 11.05
N LEU B 253 -3.26 -5.24 11.13
CA LEU B 253 -3.06 -3.79 11.28
C LEU B 253 -2.34 -3.48 12.63
N PHE B 254 -2.80 -4.11 13.72
CA PHE B 254 -2.22 -4.00 15.06
C PHE B 254 -0.74 -4.31 15.00
N LYS B 255 -0.37 -5.44 14.33
CA LYS B 255 1.00 -5.89 14.13
C LYS B 255 1.81 -4.85 13.31
N LEU B 256 1.21 -4.27 12.23
CA LEU B 256 1.86 -3.22 11.42
C LEU B 256 2.21 -1.97 12.28
N LEU B 257 1.23 -1.46 13.05
CA LEU B 257 1.43 -0.30 13.91
C LEU B 257 2.49 -0.56 14.99
N LYS B 258 2.47 -1.77 15.59
CA LYS B 258 3.45 -2.19 16.60
C LYS B 258 4.88 -2.21 16.06
N GLU B 259 5.04 -2.53 14.75
CA GLU B 259 6.32 -2.56 14.05
C GLU B 259 6.74 -1.18 13.53
N GLY B 260 5.93 -0.16 13.77
CA GLY B 260 6.22 1.18 13.32
C GLY B 260 6.09 1.34 11.82
N HIS B 261 5.33 0.42 11.18
CA HIS B 261 5.09 0.46 9.74
C HIS B 261 4.37 1.73 9.41
N ARG B 262 4.70 2.33 8.28
CA ARG B 262 4.07 3.56 7.82
C ARG B 262 3.81 3.39 6.34
N MET B 263 2.65 3.86 5.84
CA MET B 263 2.29 3.81 4.43
C MET B 263 3.33 4.52 3.59
N ASP B 264 3.60 3.96 2.40
CA ASP B 264 4.54 4.49 1.42
C ASP B 264 4.00 5.82 0.86
N LYS B 265 4.90 6.63 0.31
CA LYS B 265 4.56 7.89 -0.32
C LYS B 265 3.72 7.62 -1.57
N PRO B 266 2.50 8.18 -1.65
CA PRO B 266 1.70 7.99 -2.88
C PRO B 266 2.39 8.66 -4.07
N SER B 267 2.07 8.24 -5.29
CA SER B 267 2.67 8.90 -6.47
C SER B 267 1.98 10.28 -6.59
N ASN B 268 2.60 11.24 -7.29
CA ASN B 268 2.03 12.60 -7.40
C ASN B 268 1.79 13.18 -5.98
N CYS B 269 2.85 13.18 -5.17
CA CYS B 269 2.90 13.69 -3.79
C CYS B 269 4.32 14.11 -3.54
N THR B 270 4.49 15.38 -3.14
CA THR B 270 5.81 15.95 -2.87
C THR B 270 6.44 15.33 -1.63
N ASN B 271 7.77 15.43 -1.50
CA ASN B 271 8.48 14.99 -0.31
C ASN B 271 7.94 15.77 0.91
N GLU B 272 7.61 17.07 0.70
CA GLU B 272 7.08 17.97 1.73
C GLU B 272 5.74 17.48 2.30
N LEU B 273 4.77 17.19 1.41
CA LEU B 273 3.46 16.70 1.85
C LEU B 273 3.56 15.30 2.44
N TYR B 274 4.56 14.54 2.00
CA TYR B 274 4.77 13.21 2.57
C TYR B 274 5.39 13.37 3.95
N MET B 275 6.29 14.38 4.13
CA MET B 275 6.87 14.64 5.45
C MET B 275 5.75 15.09 6.40
N MET B 276 4.77 15.85 5.89
CA MET B 276 3.63 16.30 6.70
C MET B 276 2.80 15.09 7.15
N MET B 277 2.49 14.13 6.23
CA MET B 277 1.74 12.90 6.57
C MET B 277 2.53 12.13 7.63
N ARG B 278 3.83 11.91 7.37
CA ARG B 278 4.72 11.19 8.27
C ARG B 278 4.83 11.87 9.64
N ASP B 279 4.79 13.22 9.66
CA ASP B 279 4.82 13.97 10.93
C ASP B 279 3.54 13.77 11.73
N CYS B 280 2.37 13.73 11.03
CA CYS B 280 1.06 13.41 11.63
C CYS B 280 1.11 12.00 12.19
N TRP B 281 1.99 11.16 11.62
CA TRP B 281 2.10 9.78 12.06
C TRP B 281 3.22 9.53 13.07
N HIS B 282 3.69 10.58 13.78
CA HIS B 282 4.71 10.40 14.80
C HIS B 282 4.12 9.54 15.90
N ALA B 283 4.88 8.54 16.37
CA ALA B 283 4.50 7.66 17.47
C ALA B 283 4.16 8.49 18.74
N VAL B 284 4.98 9.53 19.04
CA VAL B 284 4.80 10.44 20.18
C VAL B 284 3.81 11.55 19.77
N PRO B 285 2.59 11.62 20.38
CA PRO B 285 1.60 12.64 19.96
C PRO B 285 2.03 14.11 20.04
N SER B 286 2.82 14.50 21.08
CA SER B 286 3.33 15.87 21.21
C SER B 286 4.32 16.22 20.11
N GLN B 287 4.87 15.20 19.41
CA GLN B 287 5.79 15.41 18.30
C GLN B 287 5.08 15.61 16.97
N ARG B 288 3.76 15.39 16.95
CA ARG B 288 2.97 15.56 15.73
C ARG B 288 2.68 17.05 15.60
N PRO B 289 2.43 17.58 14.38
CA PRO B 289 2.04 18.99 14.29
C PRO B 289 0.64 19.22 14.92
N THR B 290 0.34 20.45 15.31
CA THR B 290 -1.01 20.71 15.79
C THR B 290 -1.82 21.13 14.52
N PHE B 291 -3.17 21.24 14.64
CA PHE B 291 -4.02 21.70 13.55
C PHE B 291 -3.70 23.15 13.20
N LYS B 292 -3.35 23.98 14.22
CA LYS B 292 -2.94 25.37 14.01
C LYS B 292 -1.67 25.37 13.16
N GLN B 293 -0.68 24.49 13.46
CA GLN B 293 0.56 24.38 12.67
C GLN B 293 0.27 23.82 11.25
N LEU B 294 -0.63 22.82 11.16
CA LEU B 294 -1.02 22.23 9.87
C LEU B 294 -1.72 23.27 8.95
N VAL B 295 -2.58 24.12 9.51
CA VAL B 295 -3.26 25.23 8.80
C VAL B 295 -2.21 26.24 8.26
N GLU B 296 -1.22 26.60 9.11
CA GLU B 296 -0.16 27.53 8.72
C GLU B 296 0.68 26.93 7.57
N ASP B 297 1.11 25.66 7.72
CA ASP B 297 1.92 24.98 6.71
C ASP B 297 1.15 24.77 5.40
N LEU B 298 -0.13 24.39 5.47
CA LEU B 298 -0.97 24.16 4.30
C LEU B 298 -1.31 25.42 3.56
N ASP B 299 -1.52 26.53 4.29
CA ASP B 299 -1.77 27.86 3.70
C ASP B 299 -0.57 28.27 2.82
N ARG B 300 0.65 28.09 3.35
CA ARG B 300 1.90 28.39 2.65
C ARG B 300 2.06 27.50 1.40
N ILE B 301 1.77 26.17 1.54
CA ILE B 301 1.89 25.18 0.46
C ILE B 301 0.92 25.47 -0.69
N VAL B 302 -0.37 25.78 -0.40
CA VAL B 302 -1.38 26.11 -1.42
C VAL B 302 -0.89 27.23 -2.32
N ALA B 303 -0.39 28.34 -1.71
CA ALA B 303 0.15 29.53 -2.38
C ALA B 303 1.28 29.20 -3.34
N LEU B 304 2.12 28.20 -2.97
CA LEU B 304 3.27 27.74 -3.77
C LEU B 304 2.96 26.56 -4.71
N THR B 305 1.74 25.99 -4.66
CA THR B 305 1.36 24.86 -5.51
C THR B 305 0.71 25.36 -6.82
N SER B 306 1.09 24.73 -7.95
CA SER B 306 0.58 25.00 -9.29
C SER B 306 -0.89 24.59 -9.50
N ASN B 307 -1.65 25.45 -10.20
CA ASN B 307 -3.05 25.21 -10.58
C ASN B 307 -3.10 24.50 -11.96
N GLN B 308 -1.94 24.41 -12.65
CA GLN B 308 -1.79 23.74 -13.95
C GLN B 308 -1.83 22.23 -13.79
C1 EDO C . 21.12 -21.94 -9.44
O1 EDO C . 20.60 -21.00 -8.53
C2 EDO C . 20.07 -22.30 -10.55
O2 EDO C . 19.01 -23.07 -9.99
C1 EDO D . -1.05 -7.12 -8.93
O1 EDO D . -0.89 -5.99 -8.15
C2 EDO D . -1.23 -8.34 -8.03
O2 EDO D . 0.05 -8.66 -7.55
C1 EDO E . 8.36 -15.55 -23.56
O1 EDO E . 8.05 -14.71 -22.42
C2 EDO E . 9.78 -15.30 -24.08
O2 EDO E . 9.84 -14.11 -24.85
C1 EDO F . 32.07 -27.63 -19.77
O1 EDO F . 31.52 -27.51 -21.08
C2 EDO F . 32.46 -26.22 -19.23
O2 EDO F . 32.98 -26.33 -17.91
C1 EDO G . -10.88 -21.71 -7.42
O1 EDO G . -10.36 -20.57 -6.76
C2 EDO G . -10.40 -21.74 -8.88
O2 EDO G . -10.78 -20.52 -9.52
C1 EDO H . 22.22 -1.78 -12.26
O1 EDO H . 23.32 -2.68 -12.34
C2 EDO H . 21.96 -1.45 -10.77
O2 EDO H . 23.00 -0.62 -10.27
C1 EDO I . 2.85 -10.22 6.22
O1 EDO I . 3.19 -8.95 5.66
C2 EDO I . 1.43 -10.67 5.79
O2 EDO I . 0.85 -11.56 6.75
N1 4Y0 J . 25.83 -16.94 -5.06
C2 4Y0 J . 24.79 -16.89 -3.15
C3 4Y0 J . 25.65 -15.80 -3.27
C4 4Y0 J . 24.94 -17.61 -4.31
N5 4Y0 J . 26.31 -15.81 -4.43
N6 4Y0 J . 25.89 -14.75 -2.38
C7 4Y0 J . 25.33 -14.60 -1.12
C9 4Y0 J . 25.60 -13.32 -0.39
C10 4Y0 J . 24.71 -12.94 0.62
C11 4Y0 J . 24.92 -11.77 1.35
C12 4Y0 J . 26.03 -10.96 1.05
C13 4Y0 J . 24.25 -18.83 -4.77
C15 4Y0 J . 26.70 -12.51 -0.65
C16 4Y0 J . 26.91 -11.34 0.06
O17 4Y0 J . 24.12 -11.32 2.36
O18 4Y0 J . 26.14 -9.82 1.81
C19 4Y0 J . 23.72 -18.88 -6.06
C20 4Y0 J . 23.90 -19.82 -3.87
C21 4Y0 J . 23.14 -12.21 2.90
C22 4Y0 J . 23.17 -20.92 -4.28
C23 4Y0 J . 22.93 -19.96 -6.45
O2 4Y0 J . 24.65 -15.49 -0.61
C 4Y0 J . 27.29 -9.00 1.63
C24 4Y0 J . 22.67 -20.99 -5.57
H1 4Y0 J . 26.19 -17.15 -5.98
H2 4Y0 J . 24.13 -17.14 -2.32
H6 4Y0 J . 26.58 -14.08 -2.71
H10 4Y0 J . 23.86 -13.59 0.81
H15 4Y0 J . 27.44 -12.80 -1.40
H16 4Y0 J . 27.83 -10.77 -0.16
H19 4Y0 J . 23.91 -18.11 -6.79
H20 4Y0 J . 24.26 -19.77 -2.84
H211 4Y0 J . 22.76 -11.63 3.74
H212 4Y0 J . 23.55 -13.15 3.26
H213 4Y0 J . 22.32 -12.41 2.21
HC1 4Y0 J . 27.21 -8.60 0.61
HC2 4Y0 J . 27.23 -8.17 2.33
HC3 4Y0 J . 28.27 -9.46 1.75
H23 4Y0 J . 22.60 -20.03 -7.48
H22 4Y0 J . 22.93 -21.72 -3.58
H24 4Y0 J . 22.10 -21.85 -5.91
C1 PPI K . 9.18 -1.86 2.85
C2 PPI K . 8.06 -2.84 3.05
C3 PPI K . 6.92 -2.25 3.89
O1 PPI K . 10.28 -2.12 3.30
O2 PPI K . 8.98 -0.72 2.15
C1 PPI L . 25.35 -5.15 -0.49
C2 PPI L . 25.35 -6.17 0.61
C3 PPI L . 24.13 -6.02 1.53
O1 PPI L . 26.36 -4.52 -0.75
O2 PPI L . 24.23 -4.94 -1.21
S SO4 M . 11.99 -11.67 0.69
O1 SO4 M . 11.83 -13.06 1.03
O2 SO4 M . 13.41 -11.44 0.36
O3 SO4 M . 11.67 -10.86 1.86
O4 SO4 M . 11.11 -11.31 -0.44
S SO4 N . 35.83 -27.51 -14.23
O1 SO4 N . 35.52 -28.80 -14.83
O2 SO4 N . 37.26 -27.43 -13.98
O3 SO4 N . 35.12 -27.36 -12.96
O4 SO4 N . 35.42 -26.45 -15.15
S SO4 O . 27.42 -22.49 -23.20
O1 SO4 O . 26.81 -22.72 -21.90
O2 SO4 O . 28.87 -22.69 -23.07
O3 SO4 O . 27.16 -21.13 -23.69
O4 SO4 O . 26.87 -23.45 -24.17
S SO4 P . 28.81 -29.74 -23.81
O1 SO4 P . 30.12 -30.42 -23.98
O2 SO4 P . 28.84 -28.91 -22.60
O3 SO4 P . 28.58 -28.89 -24.99
O4 SO4 P . 27.71 -30.73 -23.67
C1 EDO Q . -22.54 12.51 6.97
O1 EDO Q . -23.33 11.60 7.71
C2 EDO Q . -21.13 11.92 6.76
O2 EDO Q . -20.64 11.48 8.01
C1 EDO R . -22.35 17.29 13.26
O1 EDO R . -22.19 16.11 14.03
C2 EDO R . -23.30 17.09 12.03
O2 EDO R . -22.79 16.13 11.12
C1 EDO S . -0.98 5.06 9.28
O1 EDO S . -1.41 3.77 9.71
C2 EDO S . 0.54 5.04 9.06
O2 EDO S . 0.86 4.28 7.91
C1 EDO T . -33.62 21.82 22.91
O1 EDO T . -34.80 21.97 22.13
C2 EDO T . -33.49 20.34 23.34
O2 EDO T . -32.24 20.16 23.99
C1 EDO U . -21.51 9.78 3.81
O1 EDO U . -20.11 9.55 3.93
C2 EDO U . -21.82 10.64 2.56
O2 EDO U . -23.13 11.17 2.68
N1 4Y0 V . -25.37 16.72 4.12
C2 4Y0 V . -25.34 14.60 3.66
C3 4Y0 V . -25.31 15.37 2.50
C4 4Y0 V . -25.41 15.50 4.69
N5 4Y0 V . -25.32 16.67 2.76
N6 4Y0 V . -25.26 14.99 1.16
C7 4Y0 V . -25.27 13.69 0.66
C9 4Y0 V . -25.13 13.53 -0.82
C10 4Y0 V . -24.60 12.33 -1.31
C11 4Y0 V . -24.48 12.12 -2.67
C12 4Y0 V . -24.92 13.10 -3.57
C13 4Y0 V . -25.37 15.29 6.16
C15 4Y0 V . -25.60 14.48 -1.72
C16 4Y0 V . -25.49 14.28 -3.09
O17 4Y0 V . -23.95 11.00 -3.25
O18 4Y0 V . -24.77 12.80 -4.90
C19 4Y0 V . -24.75 16.21 6.99
C20 4Y0 V . -25.76 14.06 6.69
C21 4Y0 V . -23.71 9.86 -2.42
C22 4Y0 V . -25.64 13.81 8.05
C23 4Y0 V . -24.62 15.95 8.35
O2 4Y0 V . -25.42 12.72 1.40
C 4Y0 V . -25.35 13.67 -5.87
C24 4Y0 V . -25.09 14.76 8.88
H1 4Y0 V . -25.38 17.64 4.56
H2 4Y0 V . -25.34 13.51 3.75
H6 4Y0 V . -25.25 15.77 0.51
H10 4Y0 V . -24.25 11.61 -0.57
H15 4Y0 V . -26.05 15.41 -1.37
H16 4Y0 V . -25.87 15.06 -3.75
H19 4Y0 V . -24.38 17.16 6.63
H20 4Y0 V . -26.21 13.29 6.06
H211 4Y0 V . -23.37 9.13 -3.14
H212 4Y0 V . -24.61 9.49 -1.93
H213 4Y0 V . -22.93 10.02 -1.68
HC1 4Y0 V . -25.22 13.16 -6.83
HC2 4Y0 V . -24.78 14.60 -5.89
HC3 4Y0 V . -26.41 13.92 -5.76
H23 4Y0 V . -24.20 16.70 9.01
H22 4Y0 V . -25.99 12.88 8.47
H24 4Y0 V . -25.00 14.58 9.94
C1 PPI W . 0.96 17.49 -4.67
C2 PPI W . -0.35 16.93 -5.15
C3 PPI W . -0.30 16.57 -6.63
O1 PPI W . 1.73 16.80 -4.03
O2 PPI W . 1.28 18.78 -4.93
S SO4 X . -15.15 4.74 3.19
O1 SO4 X . -14.88 3.67 2.22
O2 SO4 X . -13.88 5.29 3.62
O3 SO4 X . -15.82 4.18 4.31
O4 SO4 X . -16.00 5.75 2.55
S SO4 Y . 10.72 4.32 6.65
O1 SO4 Y . 11.73 5.37 6.40
O2 SO4 Y . 10.16 4.50 8.00
O3 SO4 Y . 9.65 4.44 5.65
O4 SO4 Y . 11.35 3.00 6.56
#